data_2EM9
#
_entry.id   2EM9
#
loop_
_entity.id
_entity.type
_entity.pdbx_description
1 polymer 'Zinc finger protein 224'
2 non-polymer 'ZINC ION'
#
_entity_poly.entity_id   1
_entity_poly.type   'polypeptide(L)'
_entity_poly.pdbx_seq_one_letter_code
;GSSGSSGTGEKPYNCKECGKSFRWASCLLKHQRVHSGEKPSGPSSG
;
_entity_poly.pdbx_strand_id   A
#
# COMPACT_ATOMS: atom_id res chain seq x y z
N GLY A 1 -23.27 4.92 -18.95
CA GLY A 1 -24.46 4.86 -18.10
C GLY A 1 -24.97 3.45 -17.93
N SER A 2 -24.27 2.66 -17.12
CA SER A 2 -24.66 1.28 -16.86
C SER A 2 -25.53 1.17 -15.62
N SER A 3 -25.07 1.78 -14.53
CA SER A 3 -25.81 1.76 -13.28
C SER A 3 -25.99 0.32 -12.78
N GLY A 4 -24.93 -0.48 -12.89
CA GLY A 4 -24.99 -1.86 -12.45
C GLY A 4 -24.39 -2.81 -13.47
N SER A 5 -23.38 -3.57 -13.04
CA SER A 5 -22.72 -4.52 -13.91
C SER A 5 -21.92 -5.54 -13.11
N SER A 6 -21.48 -6.60 -13.77
CA SER A 6 -20.71 -7.66 -13.10
C SER A 6 -19.22 -7.42 -13.27
N GLY A 7 -18.46 -7.62 -12.20
CA GLY A 7 -17.04 -7.41 -12.24
C GLY A 7 -16.47 -6.86 -10.95
N THR A 8 -16.93 -7.41 -9.83
CA THR A 8 -16.48 -6.96 -8.52
C THR A 8 -15.24 -7.73 -8.07
N GLY A 9 -14.07 -7.22 -8.45
CA GLY A 9 -12.82 -7.86 -8.08
C GLY A 9 -11.89 -6.94 -7.32
N GLU A 10 -11.43 -7.38 -6.16
CA GLU A 10 -10.52 -6.58 -5.34
C GLU A 10 -9.53 -7.47 -4.60
N LYS A 11 -8.28 -7.05 -4.56
CA LYS A 11 -7.23 -7.80 -3.88
C LYS A 11 -7.49 -7.86 -2.38
N PRO A 12 -7.11 -8.98 -1.75
CA PRO A 12 -7.28 -9.18 -0.31
C PRO A 12 -6.37 -8.29 0.51
N TYR A 13 -5.13 -8.12 0.06
CA TYR A 13 -4.17 -7.29 0.76
C TYR A 13 -4.28 -5.83 0.31
N ASN A 14 -4.36 -4.93 1.28
CA ASN A 14 -4.48 -3.50 1.00
C ASN A 14 -3.76 -2.68 2.06
N CYS A 15 -2.75 -1.93 1.64
CA CYS A 15 -1.98 -1.10 2.56
C CYS A 15 -2.86 0.01 3.15
N LYS A 16 -2.57 0.39 4.39
CA LYS A 16 -3.33 1.43 5.06
C LYS A 16 -2.54 2.73 5.12
N GLU A 17 -1.21 2.62 5.08
CA GLU A 17 -0.34 3.78 5.13
C GLU A 17 -0.69 4.76 4.01
N CYS A 18 -0.59 4.29 2.77
CA CYS A 18 -0.89 5.12 1.61
C CYS A 18 -2.26 4.78 1.03
N GLY A 19 -2.58 3.49 1.01
CA GLY A 19 -3.86 3.05 0.49
C GLY A 19 -3.72 2.31 -0.83
N LYS A 20 -2.73 1.43 -0.90
CA LYS A 20 -2.49 0.65 -2.11
C LYS A 20 -3.07 -0.76 -1.98
N SER A 21 -2.87 -1.57 -3.01
CA SER A 21 -3.36 -2.95 -2.99
C SER A 21 -2.26 -3.92 -3.40
N PHE A 22 -2.49 -5.20 -3.12
CA PHE A 22 -1.52 -6.24 -3.44
C PHE A 22 -2.18 -7.62 -3.51
N ARG A 23 -1.78 -8.41 -4.49
CA ARG A 23 -2.34 -9.74 -4.67
C ARG A 23 -1.80 -10.70 -3.62
N TRP A 24 -0.48 -10.70 -3.45
CA TRP A 24 0.17 -11.57 -2.47
C TRP A 24 0.62 -10.79 -1.26
N ALA A 25 0.87 -11.49 -0.16
CA ALA A 25 1.32 -10.85 1.07
C ALA A 25 2.71 -10.26 0.92
N SER A 26 3.68 -11.11 0.59
CA SER A 26 5.06 -10.67 0.41
C SER A 26 5.11 -9.38 -0.41
N CYS A 27 4.36 -9.35 -1.50
CA CYS A 27 4.32 -8.18 -2.38
C CYS A 27 4.05 -6.90 -1.58
N LEU A 28 3.16 -7.02 -0.59
CA LEU A 28 2.81 -5.88 0.25
C LEU A 28 3.86 -5.65 1.33
N LEU A 29 4.25 -6.73 2.02
CA LEU A 29 5.25 -6.64 3.07
C LEU A 29 6.50 -5.91 2.58
N LYS A 30 6.82 -6.11 1.31
CA LYS A 30 8.00 -5.47 0.71
C LYS A 30 7.77 -3.96 0.57
N HIS A 31 6.57 -3.59 0.13
CA HIS A 31 6.24 -2.18 -0.04
C HIS A 31 6.23 -1.45 1.30
N GLN A 32 5.90 -2.17 2.36
CA GLN A 32 5.85 -1.59 3.69
C GLN A 32 7.18 -0.95 4.05
N ARG A 33 8.22 -1.26 3.28
CA ARG A 33 9.55 -0.71 3.52
C ARG A 33 9.55 0.80 3.34
N VAL A 34 8.66 1.30 2.47
CA VAL A 34 8.57 2.73 2.23
C VAL A 34 7.98 3.46 3.42
N HIS A 35 7.14 2.76 4.19
CA HIS A 35 6.52 3.35 5.37
C HIS A 35 7.34 3.06 6.62
N SER A 36 8.63 2.81 6.42
CA SER A 36 9.52 2.52 7.54
C SER A 36 10.58 3.61 7.69
N GLY A 37 11.15 4.03 6.57
CA GLY A 37 12.17 5.06 6.58
C GLY A 37 11.84 6.22 5.67
N GLU A 38 11.69 7.41 6.24
CA GLU A 38 11.37 8.60 5.46
C GLU A 38 12.49 8.92 4.47
N LYS A 39 12.11 9.46 3.32
CA LYS A 39 13.07 9.80 2.29
C LYS A 39 13.16 11.32 2.11
N PRO A 40 14.37 11.81 1.82
CA PRO A 40 14.62 13.24 1.62
C PRO A 40 13.99 13.77 0.34
N SER A 41 12.75 14.23 0.44
CA SER A 41 12.03 14.76 -0.72
C SER A 41 11.34 16.07 -0.37
N GLY A 42 12.05 17.19 -0.55
CA GLY A 42 11.48 18.49 -0.26
C GLY A 42 12.54 19.53 0.02
N PRO A 43 12.89 19.70 1.31
CA PRO A 43 13.90 20.68 1.74
C PRO A 43 15.31 20.27 1.31
N SER A 44 15.43 19.07 0.76
CA SER A 44 16.73 18.56 0.32
C SER A 44 17.37 19.52 -0.67
N SER A 45 16.65 19.82 -1.75
CA SER A 45 17.15 20.73 -2.78
C SER A 45 16.69 22.16 -2.52
N GLY A 46 17.35 22.82 -1.58
CA GLY A 46 17.00 24.19 -1.25
C GLY A 46 15.51 24.44 -1.36
N GLY A 1 -21.85 9.87 -18.17
CA GLY A 1 -20.89 8.92 -17.61
C GLY A 1 -21.30 7.48 -17.83
N SER A 2 -20.67 6.83 -18.80
CA SER A 2 -20.98 5.44 -19.11
C SER A 2 -19.80 4.53 -18.76
N SER A 3 -19.83 3.99 -17.56
CA SER A 3 -18.77 3.10 -17.09
C SER A 3 -19.34 1.76 -16.62
N GLY A 4 -18.65 0.67 -16.97
CA GLY A 4 -19.11 -0.64 -16.59
C GLY A 4 -18.10 -1.37 -15.72
N SER A 5 -18.49 -1.67 -14.49
CA SER A 5 -17.60 -2.36 -13.55
C SER A 5 -17.87 -3.86 -13.57
N SER A 6 -17.04 -4.59 -14.31
CA SER A 6 -17.18 -6.05 -14.42
C SER A 6 -15.88 -6.75 -14.04
N GLY A 7 -15.80 -7.17 -12.79
CA GLY A 7 -14.60 -7.85 -12.32
C GLY A 7 -13.56 -6.89 -11.78
N THR A 8 -14.00 -5.94 -10.97
CA THR A 8 -13.09 -4.95 -10.39
C THR A 8 -11.73 -5.56 -10.08
N GLY A 9 -11.75 -6.72 -9.43
CA GLY A 9 -10.52 -7.40 -9.07
C GLY A 9 -10.03 -7.02 -7.69
N GLU A 10 -10.91 -7.14 -6.70
CA GLU A 10 -10.55 -6.82 -5.32
C GLU A 10 -9.38 -7.66 -4.84
N LYS A 11 -8.50 -7.05 -4.05
CA LYS A 11 -7.33 -7.75 -3.53
C LYS A 11 -7.44 -7.92 -2.01
N PRO A 12 -6.92 -9.05 -1.51
CA PRO A 12 -6.95 -9.36 -0.08
C PRO A 12 -6.02 -8.47 0.73
N TYR A 13 -4.93 -8.03 0.10
CA TYR A 13 -3.96 -7.17 0.77
C TYR A 13 -4.13 -5.73 0.32
N ASN A 14 -4.27 -4.82 1.28
CA ASN A 14 -4.43 -3.40 0.99
C ASN A 14 -3.78 -2.54 2.07
N CYS A 15 -2.73 -1.84 1.68
CA CYS A 15 -2.01 -0.97 2.62
C CYS A 15 -2.90 0.18 3.09
N LYS A 16 -2.91 0.42 4.40
CA LYS A 16 -3.71 1.49 4.97
C LYS A 16 -2.91 2.78 5.07
N GLU A 17 -1.59 2.65 5.22
CA GLU A 17 -0.72 3.81 5.33
C GLU A 17 -0.92 4.76 4.17
N CYS A 18 -0.63 4.30 2.96
CA CYS A 18 -0.78 5.11 1.76
C CYS A 18 -2.11 4.82 1.08
N GLY A 19 -2.46 3.55 0.98
CA GLY A 19 -3.71 3.16 0.35
C GLY A 19 -3.49 2.37 -0.92
N LYS A 20 -2.51 1.47 -0.90
CA LYS A 20 -2.20 0.65 -2.07
C LYS A 20 -2.83 -0.74 -1.93
N SER A 21 -2.63 -1.57 -2.95
CA SER A 21 -3.18 -2.92 -2.94
C SER A 21 -2.17 -3.92 -3.48
N PHE A 22 -2.37 -5.19 -3.16
CA PHE A 22 -1.47 -6.25 -3.61
C PHE A 22 -2.19 -7.60 -3.65
N ARG A 23 -1.74 -8.47 -4.53
CA ARG A 23 -2.33 -9.79 -4.68
C ARG A 23 -1.88 -10.72 -3.55
N TRP A 24 -0.57 -10.81 -3.35
CA TRP A 24 -0.01 -11.66 -2.31
C TRP A 24 0.48 -10.83 -1.13
N ALA A 25 0.85 -11.50 -0.04
CA ALA A 25 1.36 -10.83 1.14
C ALA A 25 2.75 -10.25 0.90
N SER A 26 3.68 -11.12 0.54
CA SER A 26 5.05 -10.71 0.29
C SER A 26 5.10 -9.38 -0.46
N CYS A 27 4.34 -9.29 -1.54
CA CYS A 27 4.28 -8.08 -2.34
C CYS A 27 3.99 -6.86 -1.46
N LEU A 28 3.01 -6.99 -0.59
CA LEU A 28 2.62 -5.90 0.31
C LEU A 28 3.73 -5.63 1.32
N LEU A 29 4.29 -6.70 1.88
CA LEU A 29 5.36 -6.57 2.87
C LEU A 29 6.54 -5.79 2.30
N LYS A 30 6.99 -6.18 1.12
CA LYS A 30 8.11 -5.51 0.47
C LYS A 30 7.83 -4.02 0.30
N HIS A 31 6.56 -3.69 0.07
CA HIS A 31 6.15 -2.30 -0.11
C HIS A 31 6.15 -1.56 1.23
N GLN A 32 5.73 -2.25 2.28
CA GLN A 32 5.68 -1.65 3.61
C GLN A 32 6.99 -0.97 3.95
N ARG A 33 8.06 -1.39 3.29
CA ARG A 33 9.39 -0.82 3.53
C ARG A 33 9.34 0.70 3.47
N VAL A 34 8.70 1.22 2.42
CA VAL A 34 8.59 2.67 2.25
C VAL A 34 8.07 3.34 3.51
N HIS A 35 7.21 2.64 4.24
CA HIS A 35 6.64 3.16 5.48
C HIS A 35 7.57 2.90 6.66
N SER A 36 8.86 2.76 6.36
CA SER A 36 9.86 2.51 7.40
C SER A 36 9.98 3.70 8.35
N GLY A 37 10.19 4.88 7.77
CA GLY A 37 10.33 6.09 8.57
C GLY A 37 11.45 5.99 9.58
N GLU A 38 11.17 6.38 10.81
CA GLU A 38 12.16 6.34 11.88
C GLU A 38 12.42 4.90 12.32
N LYS A 39 13.54 4.69 13.00
CA LYS A 39 13.91 3.37 13.48
C LYS A 39 13.21 3.06 14.80
N PRO A 40 12.84 1.78 14.99
CA PRO A 40 12.16 1.34 16.21
C PRO A 40 13.08 1.36 17.42
N SER A 41 14.38 1.42 17.19
CA SER A 41 15.37 1.45 18.26
C SER A 41 14.99 0.46 19.36
N GLY A 42 14.49 -0.71 18.95
CA GLY A 42 14.10 -1.73 19.92
C GLY A 42 15.24 -2.67 20.25
N PRO A 43 15.27 -3.14 21.51
CA PRO A 43 16.31 -4.06 21.98
C PRO A 43 16.17 -5.45 21.36
N SER A 44 17.28 -6.19 21.31
CA SER A 44 17.29 -7.54 20.75
C SER A 44 17.63 -8.57 21.81
N SER A 45 16.66 -9.43 22.14
CA SER A 45 16.86 -10.46 23.14
C SER A 45 16.95 -11.84 22.49
N GLY A 46 18.16 -12.40 22.48
CA GLY A 46 18.35 -13.72 21.87
C GLY A 46 17.99 -13.74 20.41
N GLY A 1 -18.37 8.77 -19.35
CA GLY A 1 -19.75 9.00 -19.72
C GLY A 1 -20.68 7.93 -19.19
N SER A 2 -20.41 6.68 -19.55
CA SER A 2 -21.23 5.56 -19.11
C SER A 2 -20.51 4.23 -19.34
N SER A 3 -20.38 3.45 -18.27
CA SER A 3 -19.70 2.16 -18.35
C SER A 3 -20.40 1.13 -17.46
N GLY A 4 -20.07 -0.14 -17.69
CA GLY A 4 -20.67 -1.20 -16.90
C GLY A 4 -19.70 -1.82 -15.92
N SER A 5 -18.73 -2.57 -16.43
CA SER A 5 -17.73 -3.22 -15.59
C SER A 5 -16.67 -2.21 -15.13
N SER A 6 -16.69 -1.90 -13.84
CA SER A 6 -15.74 -0.95 -13.27
C SER A 6 -15.01 -1.56 -12.09
N GLY A 7 -13.95 -2.32 -12.37
CA GLY A 7 -13.19 -2.96 -11.32
C GLY A 7 -13.15 -4.47 -11.46
N THR A 8 -12.16 -4.97 -12.19
CA THR A 8 -12.01 -6.41 -12.40
C THR A 8 -12.35 -7.19 -11.13
N GLY A 9 -11.79 -6.73 -10.00
CA GLY A 9 -12.04 -7.40 -8.73
C GLY A 9 -11.54 -6.58 -7.55
N GLU A 10 -11.12 -7.27 -6.51
CA GLU A 10 -10.62 -6.62 -5.30
C GLU A 10 -9.55 -7.46 -4.62
N LYS A 11 -8.33 -6.92 -4.55
CA LYS A 11 -7.22 -7.62 -3.93
C LYS A 11 -7.47 -7.82 -2.43
N PRO A 12 -7.03 -8.96 -1.91
CA PRO A 12 -7.19 -9.30 -0.48
C PRO A 12 -6.32 -8.44 0.42
N TYR A 13 -5.20 -7.96 -0.12
CA TYR A 13 -4.29 -7.12 0.64
C TYR A 13 -4.44 -5.65 0.25
N ASN A 14 -4.42 -4.77 1.24
CA ASN A 14 -4.55 -3.34 0.99
C ASN A 14 -3.76 -2.54 2.03
N CYS A 15 -2.74 -1.80 1.57
CA CYS A 15 -1.92 -0.99 2.46
C CYS A 15 -2.69 0.23 2.95
N LYS A 16 -2.95 0.26 4.25
CA LYS A 16 -3.69 1.37 4.85
C LYS A 16 -2.81 2.62 4.93
N GLU A 17 -1.52 2.42 5.17
CA GLU A 17 -0.58 3.53 5.26
C GLU A 17 -0.81 4.54 4.15
N CYS A 18 -0.62 4.10 2.90
CA CYS A 18 -0.81 4.95 1.74
C CYS A 18 -2.18 4.72 1.11
N GLY A 19 -2.60 3.46 1.07
CA GLY A 19 -3.88 3.13 0.48
C GLY A 19 -3.75 2.39 -0.83
N LYS A 20 -2.82 1.44 -0.89
CA LYS A 20 -2.60 0.66 -2.10
C LYS A 20 -3.11 -0.76 -1.94
N SER A 21 -2.98 -1.56 -2.99
CA SER A 21 -3.45 -2.94 -2.96
C SER A 21 -2.31 -3.89 -3.33
N PHE A 22 -2.48 -5.16 -2.96
CA PHE A 22 -1.47 -6.18 -3.24
C PHE A 22 -2.12 -7.55 -3.41
N ARG A 23 -1.62 -8.31 -4.38
CA ARG A 23 -2.14 -9.65 -4.64
C ARG A 23 -1.80 -10.60 -3.50
N TRP A 24 -0.52 -10.67 -3.17
CA TRP A 24 -0.06 -11.56 -2.09
C TRP A 24 0.46 -10.74 -0.92
N ALA A 25 0.76 -11.43 0.19
CA ALA A 25 1.27 -10.78 1.38
C ALA A 25 2.67 -10.23 1.15
N SER A 26 3.59 -11.09 0.71
CA SER A 26 4.96 -10.70 0.46
C SER A 26 5.01 -9.41 -0.35
N CYS A 27 4.39 -9.41 -1.52
CA CYS A 27 4.36 -8.24 -2.38
C CYS A 27 4.09 -6.98 -1.58
N LEU A 28 3.15 -7.06 -0.65
CA LEU A 28 2.79 -5.92 0.18
C LEU A 28 3.91 -5.61 1.17
N LEU A 29 4.49 -6.65 1.75
CA LEU A 29 5.57 -6.49 2.72
C LEU A 29 6.70 -5.64 2.14
N LYS A 30 7.28 -6.12 1.04
CA LYS A 30 8.37 -5.40 0.39
C LYS A 30 8.05 -3.91 0.27
N HIS A 31 6.77 -3.60 0.07
CA HIS A 31 6.33 -2.22 -0.06
C HIS A 31 6.33 -1.52 1.30
N GLN A 32 5.93 -2.24 2.33
CA GLN A 32 5.89 -1.70 3.69
C GLN A 32 7.18 -0.96 4.01
N ARG A 33 8.28 -1.40 3.40
CA ARG A 33 9.58 -0.78 3.63
C ARG A 33 9.51 0.74 3.46
N VAL A 34 8.73 1.18 2.48
CA VAL A 34 8.58 2.60 2.21
C VAL A 34 8.03 3.34 3.43
N HIS A 35 7.27 2.61 4.25
CA HIS A 35 6.69 3.20 5.46
C HIS A 35 7.57 2.92 6.67
N SER A 36 8.86 2.70 6.43
CA SER A 36 9.81 2.42 7.49
C SER A 36 10.74 3.61 7.73
N GLY A 37 10.99 3.92 8.99
CA GLY A 37 11.86 5.03 9.33
C GLY A 37 11.13 6.12 10.09
N GLU A 38 11.88 7.13 10.54
CA GLU A 38 11.30 8.24 11.28
C GLU A 38 12.18 9.49 11.17
N LYS A 39 11.65 10.50 10.49
CA LYS A 39 12.38 11.75 10.31
C LYS A 39 12.86 12.30 11.65
N PRO A 40 13.91 13.14 11.60
CA PRO A 40 14.48 13.76 12.80
C PRO A 40 13.55 14.79 13.43
N SER A 41 13.53 14.83 14.76
CA SER A 41 12.68 15.77 15.48
C SER A 41 13.48 16.97 15.96
N GLY A 42 14.65 16.71 16.54
CA GLY A 42 15.50 17.77 17.02
C GLY A 42 15.60 18.93 16.05
N PRO A 43 16.44 18.76 15.02
CA PRO A 43 16.65 19.79 14.00
C PRO A 43 15.43 19.97 13.10
N SER A 44 14.50 20.81 13.54
CA SER A 44 13.28 21.07 12.78
C SER A 44 13.60 21.34 11.31
N SER A 45 14.63 22.14 11.08
CA SER A 45 15.03 22.49 9.73
C SER A 45 13.82 22.76 8.84
N GLY A 46 12.88 23.53 9.37
CA GLY A 46 11.68 23.86 8.62
C GLY A 46 11.99 24.38 7.23
N GLY A 1 -20.05 4.75 -12.55
CA GLY A 1 -21.29 5.31 -13.04
C GLY A 1 -21.24 5.67 -14.51
N SER A 2 -20.15 6.31 -14.91
CA SER A 2 -19.98 6.72 -16.30
C SER A 2 -19.28 5.64 -17.10
N SER A 3 -19.75 5.42 -18.33
CA SER A 3 -19.18 4.40 -19.20
C SER A 3 -17.64 4.45 -19.16
N GLY A 4 -17.04 3.32 -18.78
CA GLY A 4 -15.60 3.26 -18.69
C GLY A 4 -15.11 2.74 -17.35
N SER A 5 -15.33 1.46 -17.10
CA SER A 5 -14.92 0.85 -15.84
C SER A 5 -14.20 -0.48 -16.09
N SER A 6 -12.88 -0.47 -16.00
CA SER A 6 -12.08 -1.67 -16.22
C SER A 6 -11.87 -2.42 -14.90
N GLY A 7 -11.32 -1.73 -13.92
CA GLY A 7 -11.07 -2.36 -12.63
C GLY A 7 -10.33 -1.45 -11.67
N THR A 8 -10.70 -1.48 -10.40
CA THR A 8 -10.07 -0.65 -9.38
C THR A 8 -8.90 -1.37 -8.75
N GLY A 9 -9.10 -2.64 -8.39
CA GLY A 9 -8.02 -3.41 -7.78
C GLY A 9 -8.55 -4.36 -6.72
N GLU A 10 -9.34 -5.34 -7.15
CA GLU A 10 -9.91 -6.32 -6.24
C GLU A 10 -8.82 -7.23 -5.66
N LYS A 11 -8.26 -6.83 -4.52
CA LYS A 11 -7.21 -7.60 -3.88
C LYS A 11 -7.47 -7.73 -2.38
N PRO A 12 -7.05 -8.86 -1.79
CA PRO A 12 -7.22 -9.11 -0.36
C PRO A 12 -6.33 -8.23 0.50
N TYR A 13 -5.12 -7.98 0.03
CA TYR A 13 -4.18 -7.15 0.75
C TYR A 13 -4.22 -5.70 0.26
N ASN A 14 -4.26 -4.76 1.20
CA ASN A 14 -4.31 -3.34 0.85
C ASN A 14 -3.60 -2.51 1.92
N CYS A 15 -2.47 -1.91 1.54
CA CYS A 15 -1.70 -1.08 2.46
C CYS A 15 -2.53 0.09 2.96
N LYS A 16 -2.81 0.09 4.26
CA LYS A 16 -3.61 1.15 4.87
C LYS A 16 -2.80 2.44 4.96
N GLU A 17 -1.50 2.30 5.23
CA GLU A 17 -0.63 3.46 5.35
C GLU A 17 -0.91 4.47 4.24
N CYS A 18 -0.70 4.05 3.00
CA CYS A 18 -0.93 4.91 1.85
C CYS A 18 -2.29 4.63 1.21
N GLY A 19 -2.63 3.35 1.15
CA GLY A 19 -3.91 2.96 0.56
C GLY A 19 -3.73 2.24 -0.77
N LYS A 20 -2.74 1.36 -0.85
CA LYS A 20 -2.47 0.61 -2.06
C LYS A 20 -3.05 -0.80 -1.97
N SER A 21 -2.91 -1.56 -3.06
CA SER A 21 -3.43 -2.93 -3.10
C SER A 21 -2.34 -3.90 -3.56
N PHE A 22 -2.44 -5.13 -3.10
CA PHE A 22 -1.46 -6.17 -3.47
C PHE A 22 -2.13 -7.53 -3.56
N ARG A 23 -1.77 -8.29 -4.60
CA ARG A 23 -2.34 -9.62 -4.81
C ARG A 23 -1.85 -10.58 -3.73
N TRP A 24 -0.55 -10.59 -3.50
CA TRP A 24 0.04 -11.48 -2.49
C TRP A 24 0.40 -10.70 -1.23
N ALA A 25 0.77 -11.42 -0.18
CA ALA A 25 1.15 -10.80 1.09
C ALA A 25 2.58 -10.28 1.02
N SER A 26 3.52 -11.16 0.74
CA SER A 26 4.93 -10.79 0.66
C SER A 26 5.11 -9.55 -0.21
N CYS A 27 4.22 -9.38 -1.19
CA CYS A 27 4.29 -8.24 -2.09
C CYS A 27 4.01 -6.94 -1.34
N LEU A 28 3.07 -7.00 -0.40
CA LEU A 28 2.71 -5.83 0.38
C LEU A 28 3.77 -5.53 1.44
N LEU A 29 4.28 -6.58 2.06
CA LEU A 29 5.31 -6.43 3.09
C LEU A 29 6.53 -5.71 2.54
N LYS A 30 7.01 -6.16 1.38
CA LYS A 30 8.16 -5.56 0.74
C LYS A 30 7.94 -4.07 0.50
N HIS A 31 6.69 -3.69 0.25
CA HIS A 31 6.35 -2.30 0.00
C HIS A 31 6.37 -1.49 1.28
N GLN A 32 5.98 -2.13 2.39
CA GLN A 32 5.96 -1.46 3.69
C GLN A 32 7.28 -0.75 3.96
N ARG A 33 8.34 -1.17 3.25
CA ARG A 33 9.66 -0.57 3.41
C ARG A 33 9.61 0.93 3.13
N VAL A 34 8.78 1.32 2.16
CA VAL A 34 8.65 2.72 1.79
C VAL A 34 8.14 3.55 2.96
N HIS A 35 7.39 2.91 3.86
CA HIS A 35 6.84 3.58 5.02
C HIS A 35 7.79 3.49 6.21
N SER A 36 9.07 3.29 5.91
CA SER A 36 10.09 3.17 6.95
C SER A 36 9.55 2.39 8.14
N GLY A 37 8.78 1.33 7.86
CA GLY A 37 8.23 0.51 8.91
C GLY A 37 9.21 0.25 10.03
N GLU A 38 10.05 -0.75 9.85
CA GLU A 38 11.06 -1.11 10.85
C GLU A 38 12.19 -0.09 10.88
N LYS A 39 12.70 0.18 12.07
CA LYS A 39 13.79 1.14 12.24
C LYS A 39 14.87 0.58 13.16
N PRO A 40 16.14 0.90 12.85
CA PRO A 40 17.29 0.45 13.63
C PRO A 40 17.35 1.11 15.00
N SER A 41 16.40 1.99 15.28
CA SER A 41 16.35 2.69 16.55
C SER A 41 17.55 3.63 16.70
N GLY A 42 18.04 4.13 15.57
CA GLY A 42 19.18 5.03 15.60
C GLY A 42 19.37 5.75 14.28
N PRO A 43 18.52 6.74 14.02
CA PRO A 43 18.58 7.53 12.79
C PRO A 43 19.80 8.46 12.75
N SER A 44 20.60 8.41 13.81
CA SER A 44 21.80 9.24 13.89
C SER A 44 21.43 10.70 14.13
N SER A 45 20.42 10.92 14.96
CA SER A 45 19.97 12.27 15.27
C SER A 45 20.28 12.63 16.73
N GLY A 46 21.46 12.21 17.19
CA GLY A 46 21.86 12.49 18.55
C GLY A 46 21.58 11.35 19.50
N GLY A 1 -4.51 6.39 -13.86
CA GLY A 1 -5.74 6.06 -14.55
C GLY A 1 -6.66 7.26 -14.70
N SER A 2 -6.09 8.40 -15.08
CA SER A 2 -6.87 9.62 -15.26
C SER A 2 -7.85 9.48 -16.41
N SER A 3 -8.81 10.39 -16.48
CA SER A 3 -9.81 10.37 -17.54
C SER A 3 -10.29 8.95 -17.79
N GLY A 4 -10.51 8.20 -16.71
CA GLY A 4 -10.96 6.83 -16.84
C GLY A 4 -11.15 6.14 -15.51
N SER A 5 -10.92 4.83 -15.47
CA SER A 5 -11.08 4.06 -14.24
C SER A 5 -10.00 2.97 -14.15
N SER A 6 -10.01 2.24 -13.04
CA SER A 6 -9.04 1.18 -12.83
C SER A 6 -9.37 0.39 -11.56
N GLY A 7 -9.40 -0.93 -11.69
CA GLY A 7 -9.70 -1.78 -10.54
C GLY A 7 -10.52 -2.99 -10.92
N THR A 8 -9.83 -4.09 -11.25
CA THR A 8 -10.51 -5.32 -11.64
C THR A 8 -10.22 -6.44 -10.64
N GLY A 9 -11.14 -6.64 -9.70
CA GLY A 9 -10.96 -7.67 -8.70
C GLY A 9 -10.35 -7.15 -7.42
N GLU A 10 -11.14 -7.16 -6.34
CA GLU A 10 -10.66 -6.69 -5.05
C GLU A 10 -9.54 -7.56 -4.52
N LYS A 11 -8.47 -6.92 -4.07
CA LYS A 11 -7.31 -7.64 -3.53
C LYS A 11 -7.45 -7.86 -2.03
N PRO A 12 -6.98 -9.02 -1.55
CA PRO A 12 -7.05 -9.38 -0.14
C PRO A 12 -6.10 -8.53 0.72
N TYR A 13 -5.00 -8.08 0.11
CA TYR A 13 -4.03 -7.27 0.82
C TYR A 13 -4.16 -5.80 0.42
N ASN A 14 -4.06 -4.91 1.41
CA ASN A 14 -4.18 -3.48 1.17
C ASN A 14 -3.30 -2.70 2.14
N CYS A 15 -2.63 -1.67 1.63
CA CYS A 15 -1.75 -0.83 2.44
C CYS A 15 -2.52 0.35 3.02
N LYS A 16 -2.84 0.28 4.30
CA LYS A 16 -3.57 1.34 4.97
C LYS A 16 -2.72 2.61 5.05
N GLU A 17 -1.41 2.43 5.12
CA GLU A 17 -0.49 3.56 5.21
C GLU A 17 -0.74 4.56 4.08
N CYS A 18 -0.66 4.07 2.84
CA CYS A 18 -0.88 4.91 1.67
C CYS A 18 -2.24 4.64 1.05
N GLY A 19 -2.59 3.36 0.94
CA GLY A 19 -3.87 2.98 0.36
C GLY A 19 -3.70 2.20 -0.92
N LYS A 20 -2.62 1.43 -1.02
CA LYS A 20 -2.35 0.64 -2.21
C LYS A 20 -2.98 -0.74 -2.08
N SER A 21 -2.77 -1.59 -3.09
CA SER A 21 -3.31 -2.94 -3.09
C SER A 21 -2.29 -3.95 -3.61
N PHE A 22 -2.41 -5.19 -3.16
CA PHE A 22 -1.49 -6.24 -3.57
C PHE A 22 -2.21 -7.58 -3.67
N ARG A 23 -1.75 -8.43 -4.58
CA ARG A 23 -2.36 -9.74 -4.78
C ARG A 23 -1.91 -10.72 -3.70
N TRP A 24 -0.61 -10.70 -3.39
CA TRP A 24 -0.05 -11.58 -2.37
C TRP A 24 0.36 -10.79 -1.13
N ALA A 25 0.75 -11.51 -0.08
CA ALA A 25 1.17 -10.87 1.16
C ALA A 25 2.56 -10.25 1.02
N SER A 26 3.53 -11.06 0.60
CA SER A 26 4.89 -10.59 0.42
C SER A 26 4.92 -9.25 -0.30
N CYS A 27 4.26 -9.18 -1.45
CA CYS A 27 4.20 -7.96 -2.24
C CYS A 27 3.95 -6.75 -1.34
N LEU A 28 2.95 -6.86 -0.48
CA LEU A 28 2.62 -5.76 0.44
C LEU A 28 3.77 -5.47 1.39
N LEU A 29 4.34 -6.52 1.97
CA LEU A 29 5.45 -6.38 2.89
C LEU A 29 6.60 -5.61 2.25
N LYS A 30 7.01 -6.05 1.06
CA LYS A 30 8.10 -5.42 0.33
C LYS A 30 7.85 -3.92 0.19
N HIS A 31 6.58 -3.55 0.07
CA HIS A 31 6.20 -2.15 -0.07
C HIS A 31 6.21 -1.44 1.28
N GLN A 32 5.69 -2.10 2.29
CA GLN A 32 5.65 -1.53 3.64
C GLN A 32 6.99 -0.93 4.02
N ARG A 33 8.05 -1.42 3.38
CA ARG A 33 9.40 -0.94 3.66
C ARG A 33 9.45 0.59 3.61
N VAL A 34 8.85 1.16 2.58
CA VAL A 34 8.82 2.60 2.40
C VAL A 34 8.12 3.28 3.58
N HIS A 35 7.16 2.58 4.18
CA HIS A 35 6.42 3.12 5.31
C HIS A 35 7.12 2.79 6.63
N SER A 36 8.03 1.81 6.58
CA SER A 36 8.76 1.41 7.77
C SER A 36 10.27 1.46 7.51
N GLY A 37 10.87 2.62 7.77
CA GLY A 37 12.30 2.78 7.56
C GLY A 37 12.97 3.53 8.70
N GLU A 38 13.90 4.42 8.34
CA GLU A 38 14.62 5.21 9.34
C GLU A 38 14.20 6.67 9.27
N LYS A 39 12.90 6.91 9.11
CA LYS A 39 12.38 8.27 9.04
C LYS A 39 11.11 8.42 9.87
N PRO A 40 10.90 9.62 10.42
CA PRO A 40 9.73 9.92 11.24
C PRO A 40 8.43 9.94 10.44
N SER A 41 7.61 8.91 10.62
CA SER A 41 6.34 8.80 9.91
C SER A 41 5.65 10.16 9.84
N GLY A 42 4.75 10.30 8.87
CA GLY A 42 4.02 11.54 8.72
C GLY A 42 2.66 11.51 9.35
N PRO A 43 1.63 11.18 8.55
CA PRO A 43 0.25 11.11 9.04
C PRO A 43 0.01 9.92 9.96
N SER A 44 -0.30 10.22 11.22
CA SER A 44 -0.54 9.17 12.21
C SER A 44 -2.02 9.08 12.57
N SER A 45 -2.75 8.24 11.83
CA SER A 45 -4.18 8.06 12.06
C SER A 45 -4.60 6.63 11.76
N GLY A 46 -5.57 6.13 12.53
CA GLY A 46 -6.06 4.79 12.33
C GLY A 46 -5.20 3.75 13.03
N GLY A 1 -21.53 10.60 -9.62
CA GLY A 1 -22.37 10.66 -10.80
C GLY A 1 -21.87 9.76 -11.92
N SER A 2 -21.27 10.38 -12.94
CA SER A 2 -20.75 9.62 -14.08
C SER A 2 -19.38 9.03 -13.75
N SER A 3 -19.26 8.47 -12.55
CA SER A 3 -18.01 7.86 -12.13
C SER A 3 -18.27 6.55 -11.38
N GLY A 4 -17.22 5.75 -11.22
CA GLY A 4 -17.35 4.49 -10.52
C GLY A 4 -17.22 3.30 -11.44
N SER A 5 -16.36 2.36 -11.07
CA SER A 5 -16.15 1.16 -11.89
C SER A 5 -16.44 -0.10 -11.08
N SER A 6 -17.45 -0.85 -11.51
CA SER A 6 -17.84 -2.08 -10.83
C SER A 6 -17.05 -3.27 -11.37
N GLY A 7 -16.28 -3.91 -10.50
CA GLY A 7 -15.50 -5.06 -10.90
C GLY A 7 -14.38 -4.68 -11.86
N THR A 8 -13.27 -4.22 -11.31
CA THR A 8 -12.12 -3.82 -12.12
C THR A 8 -10.85 -4.55 -11.69
N GLY A 9 -10.85 -5.01 -10.44
CA GLY A 9 -9.69 -5.72 -9.92
C GLY A 9 -9.56 -5.61 -8.42
N GLU A 10 -10.19 -6.54 -7.70
CA GLU A 10 -10.14 -6.52 -6.24
C GLU A 10 -8.92 -7.29 -5.73
N LYS A 11 -8.45 -6.91 -4.54
CA LYS A 11 -7.29 -7.56 -3.95
C LYS A 11 -7.49 -7.76 -2.45
N PRO A 12 -6.98 -8.88 -1.93
CA PRO A 12 -7.09 -9.22 -0.51
C PRO A 12 -6.24 -8.31 0.37
N TYR A 13 -5.02 -8.03 -0.07
CA TYR A 13 -4.11 -7.17 0.66
C TYR A 13 -4.26 -5.72 0.25
N ASN A 14 -4.36 -4.82 1.23
CA ASN A 14 -4.50 -3.40 0.97
C ASN A 14 -3.74 -2.57 2.00
N CYS A 15 -2.70 -1.88 1.54
CA CYS A 15 -1.89 -1.04 2.43
C CYS A 15 -2.71 0.14 2.94
N LYS A 16 -2.83 0.23 4.26
CA LYS A 16 -3.58 1.32 4.89
C LYS A 16 -2.72 2.57 5.02
N GLU A 17 -1.41 2.38 5.18
CA GLU A 17 -0.48 3.48 5.30
C GLU A 17 -0.72 4.53 4.22
N CYS A 18 -0.64 4.10 2.96
CA CYS A 18 -0.84 5.00 1.84
C CYS A 18 -2.21 4.75 1.19
N GLY A 19 -2.57 3.48 1.08
CA GLY A 19 -3.85 3.14 0.48
C GLY A 19 -3.70 2.37 -0.83
N LYS A 20 -2.69 1.50 -0.88
CA LYS A 20 -2.44 0.71 -2.08
C LYS A 20 -3.06 -0.68 -1.96
N SER A 21 -2.87 -1.49 -2.98
CA SER A 21 -3.42 -2.85 -2.99
C SER A 21 -2.38 -3.84 -3.50
N PHE A 22 -2.53 -5.10 -3.09
CA PHE A 22 -1.61 -6.16 -3.51
C PHE A 22 -2.31 -7.50 -3.54
N ARG A 23 -1.85 -8.38 -4.43
CA ARG A 23 -2.43 -9.71 -4.57
C ARG A 23 -1.54 -10.76 -3.94
N TRP A 24 -0.93 -10.42 -2.81
CA TRP A 24 -0.04 -11.34 -2.10
C TRP A 24 0.34 -10.78 -0.74
N ALA A 25 1.00 -11.60 0.07
CA ALA A 25 1.42 -11.19 1.41
C ALA A 25 2.82 -10.56 1.37
N SER A 26 3.72 -11.18 0.61
CA SER A 26 5.08 -10.69 0.50
C SER A 26 5.13 -9.39 -0.30
N CYS A 27 4.47 -9.38 -1.45
CA CYS A 27 4.43 -8.20 -2.30
C CYS A 27 4.12 -6.95 -1.49
N LEU A 28 3.11 -7.03 -0.64
CA LEU A 28 2.72 -5.91 0.20
C LEU A 28 3.80 -5.57 1.21
N LEU A 29 4.36 -6.61 1.84
CA LEU A 29 5.41 -6.44 2.83
C LEU A 29 6.56 -5.62 2.26
N LYS A 30 7.17 -6.13 1.19
CA LYS A 30 8.29 -5.45 0.54
C LYS A 30 7.99 -3.97 0.37
N HIS A 31 6.73 -3.64 0.09
CA HIS A 31 6.31 -2.26 -0.10
C HIS A 31 6.28 -1.51 1.23
N GLN A 32 5.73 -2.15 2.25
CA GLN A 32 5.66 -1.55 3.57
C GLN A 32 6.97 -0.88 3.96
N ARG A 33 8.05 -1.32 3.32
CA ARG A 33 9.37 -0.77 3.60
C ARG A 33 9.38 0.75 3.42
N VAL A 34 8.74 1.21 2.36
CA VAL A 34 8.67 2.65 2.07
C VAL A 34 8.19 3.42 3.29
N HIS A 35 7.39 2.75 4.13
CA HIS A 35 6.85 3.38 5.34
C HIS A 35 7.76 3.12 6.54
N SER A 36 8.65 2.13 6.40
CA SER A 36 9.57 1.78 7.47
C SER A 36 11.01 1.72 6.96
N GLY A 37 11.85 2.61 7.47
CA GLY A 37 13.23 2.64 7.05
C GLY A 37 13.43 3.38 5.74
N GLU A 38 12.43 4.16 5.36
CA GLU A 38 12.49 4.92 4.11
C GLU A 38 11.95 6.33 4.30
N LYS A 39 12.02 7.14 3.24
CA LYS A 39 11.54 8.52 3.30
C LYS A 39 10.80 8.88 2.01
N PRO A 40 9.77 9.73 2.14
CA PRO A 40 8.98 10.17 1.00
C PRO A 40 9.76 11.11 0.07
N SER A 41 11.02 11.35 0.41
CA SER A 41 11.88 12.22 -0.39
C SER A 41 11.40 13.67 -0.29
N GLY A 42 10.89 14.05 0.87
CA GLY A 42 10.42 15.40 1.06
C GLY A 42 8.94 15.45 1.40
N PRO A 43 8.34 16.65 1.31
CA PRO A 43 6.93 16.85 1.61
C PRO A 43 6.02 16.22 0.55
N SER A 44 4.97 15.54 1.01
CA SER A 44 4.03 14.90 0.11
C SER A 44 3.84 15.71 -1.17
N SER A 45 3.80 17.02 -1.02
CA SER A 45 3.62 17.92 -2.15
C SER A 45 3.81 19.38 -1.74
N GLY A 46 4.66 20.09 -2.47
CA GLY A 46 4.92 21.48 -2.16
C GLY A 46 5.06 22.34 -3.40
N GLY A 1 -8.44 14.52 -16.07
CA GLY A 1 -8.40 13.12 -15.73
C GLY A 1 -7.81 12.27 -16.84
N SER A 2 -7.94 10.95 -16.70
CA SER A 2 -7.40 10.03 -17.69
C SER A 2 -8.49 9.07 -18.19
N SER A 3 -8.16 8.26 -19.18
CA SER A 3 -9.10 7.31 -19.74
C SER A 3 -9.53 6.29 -18.70
N GLY A 4 -10.68 5.66 -18.91
CA GLY A 4 -11.18 4.67 -17.98
C GLY A 4 -10.50 3.32 -18.14
N SER A 5 -10.65 2.46 -17.14
CA SER A 5 -10.04 1.14 -17.18
C SER A 5 -11.07 0.06 -16.85
N SER A 6 -10.78 -1.17 -17.28
CA SER A 6 -11.68 -2.30 -17.04
C SER A 6 -11.04 -3.31 -16.09
N GLY A 7 -11.86 -3.87 -15.20
CA GLY A 7 -11.36 -4.84 -14.25
C GLY A 7 -10.76 -4.20 -13.02
N THR A 8 -11.60 -3.68 -12.14
CA THR A 8 -11.14 -3.03 -10.92
C THR A 8 -10.01 -3.82 -10.28
N GLY A 9 -10.17 -5.13 -10.21
CA GLY A 9 -9.15 -5.97 -9.61
C GLY A 9 -9.19 -5.95 -8.09
N GLU A 10 -10.12 -6.70 -7.52
CA GLU A 10 -10.25 -6.76 -6.07
C GLU A 10 -9.14 -7.60 -5.44
N LYS A 11 -8.35 -6.98 -4.57
CA LYS A 11 -7.25 -7.67 -3.91
C LYS A 11 -7.50 -7.76 -2.41
N PRO A 12 -7.07 -8.89 -1.81
CA PRO A 12 -7.23 -9.12 -0.38
C PRO A 12 -6.34 -8.22 0.47
N TYR A 13 -5.11 -8.02 0.01
CA TYR A 13 -4.17 -7.18 0.72
C TYR A 13 -4.26 -5.73 0.26
N ASN A 14 -4.35 -4.81 1.22
CA ASN A 14 -4.44 -3.39 0.91
C ASN A 14 -3.79 -2.54 2.00
N CYS A 15 -2.69 -1.88 1.65
CA CYS A 15 -1.97 -1.04 2.60
C CYS A 15 -2.86 0.11 3.09
N LYS A 16 -2.88 0.31 4.40
CA LYS A 16 -3.69 1.36 5.01
C LYS A 16 -2.89 2.66 5.10
N GLU A 17 -1.58 2.54 5.25
CA GLU A 17 -0.71 3.70 5.36
C GLU A 17 -0.95 4.66 4.20
N CYS A 18 -0.64 4.20 2.99
CA CYS A 18 -0.82 5.03 1.80
C CYS A 18 -2.18 4.76 1.15
N GLY A 19 -2.55 3.49 1.07
CA GLY A 19 -3.82 3.13 0.48
C GLY A 19 -3.66 2.39 -0.83
N LYS A 20 -2.70 1.48 -0.89
CA LYS A 20 -2.44 0.71 -2.09
C LYS A 20 -3.01 -0.70 -1.97
N SER A 21 -2.80 -1.51 -3.00
CA SER A 21 -3.30 -2.89 -3.00
C SER A 21 -2.18 -3.87 -3.36
N PHE A 22 -2.40 -5.14 -3.05
CA PHE A 22 -1.42 -6.18 -3.33
C PHE A 22 -2.10 -7.55 -3.45
N ARG A 23 -1.63 -8.35 -4.42
CA ARG A 23 -2.20 -9.67 -4.63
C ARG A 23 -1.76 -10.63 -3.53
N TRP A 24 -0.46 -10.78 -3.36
CA TRP A 24 0.08 -11.67 -2.33
C TRP A 24 0.58 -10.87 -1.13
N ALA A 25 0.64 -11.53 0.02
CA ALA A 25 1.10 -10.89 1.24
C ALA A 25 2.52 -10.37 1.10
N SER A 26 3.44 -11.27 0.71
CA SER A 26 4.83 -10.90 0.54
C SER A 26 4.96 -9.58 -0.22
N CYS A 27 4.43 -9.55 -1.43
CA CYS A 27 4.48 -8.35 -2.26
C CYS A 27 4.30 -7.10 -1.41
N LEU A 28 3.19 -7.02 -0.70
CA LEU A 28 2.90 -5.88 0.16
C LEU A 28 4.00 -5.67 1.19
N LEU A 29 4.43 -6.77 1.80
CA LEU A 29 5.48 -6.71 2.82
C LEU A 29 6.65 -5.86 2.34
N LYS A 30 7.11 -6.12 1.12
CA LYS A 30 8.23 -5.37 0.55
C LYS A 30 7.89 -3.89 0.46
N HIS A 31 6.71 -3.57 -0.04
CA HIS A 31 6.26 -2.19 -0.16
C HIS A 31 6.30 -1.47 1.18
N GLN A 32 5.84 -2.16 2.22
CA GLN A 32 5.82 -1.59 3.57
C GLN A 32 7.15 -0.88 3.88
N ARG A 33 8.19 -1.27 3.16
CA ARG A 33 9.52 -0.69 3.36
C ARG A 33 9.44 0.84 3.32
N VAL A 34 8.72 1.37 2.34
CA VAL A 34 8.57 2.81 2.19
C VAL A 34 7.99 3.43 3.45
N HIS A 35 7.25 2.64 4.22
CA HIS A 35 6.63 3.11 5.46
C HIS A 35 7.51 2.78 6.65
N SER A 36 8.81 2.62 6.41
CA SER A 36 9.75 2.30 7.47
C SER A 36 10.36 3.57 8.07
N GLY A 37 10.74 4.50 7.20
CA GLY A 37 11.33 5.74 7.67
C GLY A 37 12.77 5.90 7.23
N GLU A 38 12.97 6.24 5.97
CA GLU A 38 14.31 6.41 5.42
C GLU A 38 14.45 7.77 4.73
N LYS A 39 15.39 8.57 5.22
CA LYS A 39 15.63 9.90 4.65
C LYS A 39 16.94 10.48 5.18
N PRO A 40 17.64 11.22 4.30
CA PRO A 40 18.92 11.86 4.66
C PRO A 40 18.74 13.01 5.64
N SER A 41 19.72 13.18 6.52
CA SER A 41 19.67 14.25 7.51
C SER A 41 21.05 14.49 8.13
N GLY A 42 21.50 15.74 8.09
CA GLY A 42 22.80 16.08 8.65
C GLY A 42 22.79 17.41 9.37
N PRO A 43 22.36 17.39 10.64
CA PRO A 43 22.29 18.60 11.47
C PRO A 43 23.68 19.12 11.84
N SER A 44 23.73 20.32 12.40
CA SER A 44 24.99 20.95 12.80
C SER A 44 26.04 20.77 11.71
N SER A 45 25.62 20.93 10.46
CA SER A 45 26.54 20.80 9.32
C SER A 45 26.44 22.01 8.40
N GLY A 46 27.40 22.11 7.48
CA GLY A 46 27.41 23.22 6.55
C GLY A 46 26.06 23.46 5.92
N GLY A 1 -25.47 9.95 -9.49
CA GLY A 1 -25.34 8.99 -8.42
C GLY A 1 -25.30 7.56 -8.94
N SER A 2 -26.30 7.19 -9.73
CA SER A 2 -26.37 5.85 -10.29
C SER A 2 -25.44 5.69 -11.48
N SER A 3 -24.32 4.99 -11.26
CA SER A 3 -23.34 4.77 -12.33
C SER A 3 -23.06 3.28 -12.51
N GLY A 4 -22.83 2.59 -11.40
CA GLY A 4 -22.55 1.17 -11.46
C GLY A 4 -21.17 0.87 -11.98
N SER A 5 -20.15 1.40 -11.31
CA SER A 5 -18.76 1.20 -11.71
C SER A 5 -17.96 0.55 -10.59
N SER A 6 -18.56 -0.46 -9.95
CA SER A 6 -17.90 -1.16 -8.85
C SER A 6 -18.65 -2.45 -8.51
N GLY A 7 -17.97 -3.57 -8.66
CA GLY A 7 -18.57 -4.85 -8.36
C GLY A 7 -17.57 -5.99 -8.34
N THR A 8 -16.73 -6.06 -9.36
CA THR A 8 -15.72 -7.10 -9.46
C THR A 8 -14.33 -6.51 -9.60
N GLY A 9 -13.32 -7.23 -9.11
CA GLY A 9 -11.95 -6.75 -9.19
C GLY A 9 -11.49 -6.09 -7.91
N GLU A 10 -10.94 -6.88 -6.99
CA GLU A 10 -10.45 -6.36 -5.72
C GLU A 10 -9.46 -7.33 -5.08
N LYS A 11 -8.32 -6.80 -4.64
CA LYS A 11 -7.29 -7.62 -4.01
C LYS A 11 -7.52 -7.71 -2.50
N PRO A 12 -7.14 -8.85 -1.91
CA PRO A 12 -7.30 -9.09 -0.48
C PRO A 12 -6.35 -8.23 0.36
N TYR A 13 -5.09 -8.16 -0.05
CA TYR A 13 -4.10 -7.37 0.66
C TYR A 13 -4.19 -5.90 0.26
N ASN A 14 -4.23 -5.03 1.26
CA ASN A 14 -4.32 -3.58 1.02
C ASN A 14 -3.59 -2.81 2.11
N CYS A 15 -2.85 -1.78 1.70
CA CYS A 15 -2.11 -0.95 2.64
C CYS A 15 -2.95 0.22 3.15
N LYS A 16 -2.91 0.46 4.45
CA LYS A 16 -3.68 1.54 5.05
C LYS A 16 -2.84 2.80 5.16
N GLU A 17 -1.52 2.62 5.27
CA GLU A 17 -0.61 3.75 5.38
C GLU A 17 -0.81 4.74 4.24
N CYS A 18 -0.61 4.26 3.01
CA CYS A 18 -0.77 5.10 1.82
C CYS A 18 -2.11 4.83 1.15
N GLY A 19 -2.47 3.56 1.04
CA GLY A 19 -3.74 3.20 0.42
C GLY A 19 -3.54 2.44 -0.88
N LYS A 20 -2.67 1.44 -0.87
CA LYS A 20 -2.39 0.64 -2.06
C LYS A 20 -3.01 -0.75 -1.95
N SER A 21 -2.77 -1.58 -2.95
CA SER A 21 -3.31 -2.94 -2.96
C SER A 21 -2.24 -3.94 -3.39
N PHE A 22 -2.47 -5.21 -3.08
CA PHE A 22 -1.53 -6.27 -3.44
C PHE A 22 -2.24 -7.62 -3.53
N ARG A 23 -1.78 -8.45 -4.46
CA ARG A 23 -2.39 -9.77 -4.66
C ARG A 23 -1.86 -10.76 -3.63
N TRP A 24 -0.55 -10.72 -3.38
CA TRP A 24 0.08 -11.61 -2.42
C TRP A 24 0.51 -10.84 -1.17
N ALA A 25 0.77 -11.57 -0.10
CA ALA A 25 1.20 -10.97 1.15
C ALA A 25 2.60 -10.37 1.02
N SER A 26 3.58 -11.22 0.76
CA SER A 26 4.96 -10.77 0.62
C SER A 26 5.03 -9.48 -0.20
N CYS A 27 4.50 -9.53 -1.41
CA CYS A 27 4.50 -8.37 -2.29
C CYS A 27 4.25 -7.09 -1.51
N LEU A 28 3.21 -7.09 -0.69
CA LEU A 28 2.85 -5.93 0.12
C LEU A 28 3.93 -5.65 1.16
N LEU A 29 4.36 -6.69 1.87
CA LEU A 29 5.38 -6.56 2.89
C LEU A 29 6.57 -5.75 2.38
N LYS A 30 7.04 -6.10 1.19
CA LYS A 30 8.17 -5.40 0.57
C LYS A 30 7.86 -3.91 0.40
N HIS A 31 6.61 -3.61 0.08
CA HIS A 31 6.19 -2.22 -0.11
C HIS A 31 6.24 -1.46 1.21
N GLN A 32 5.80 -2.11 2.28
CA GLN A 32 5.80 -1.49 3.61
C GLN A 32 7.12 -0.79 3.88
N ARG A 33 8.19 -1.27 3.24
CA ARG A 33 9.51 -0.69 3.42
C ARG A 33 9.45 0.84 3.34
N VAL A 34 8.75 1.34 2.33
CA VAL A 34 8.63 2.78 2.14
C VAL A 34 8.12 3.46 3.40
N HIS A 35 7.33 2.73 4.18
CA HIS A 35 6.78 3.26 5.43
C HIS A 35 7.71 2.97 6.60
N SER A 36 8.39 1.83 6.55
CA SER A 36 9.30 1.43 7.61
C SER A 36 10.34 2.52 7.87
N GLY A 37 10.01 3.42 8.80
CA GLY A 37 10.91 4.51 9.13
C GLY A 37 10.18 5.80 9.42
N GLU A 38 10.87 6.93 9.23
CA GLU A 38 10.28 8.24 9.47
C GLU A 38 10.63 9.21 8.35
N LYS A 39 9.61 9.67 7.64
CA LYS A 39 9.81 10.61 6.53
C LYS A 39 9.40 12.03 6.94
N PRO A 40 10.14 13.02 6.43
CA PRO A 40 9.87 14.43 6.73
C PRO A 40 8.59 14.92 6.08
N SER A 41 7.55 15.12 6.89
CA SER A 41 6.27 15.60 6.39
C SER A 41 5.31 15.89 7.54
N GLY A 42 4.63 17.03 7.46
CA GLY A 42 3.70 17.41 8.50
C GLY A 42 2.69 16.32 8.81
N PRO A 43 2.29 16.22 10.08
CA PRO A 43 1.33 15.21 10.54
C PRO A 43 -0.08 15.46 10.00
N SER A 44 -0.49 14.68 9.01
CA SER A 44 -1.81 14.81 8.42
C SER A 44 -2.54 13.47 8.36
N SER A 45 -3.41 13.25 9.34
CA SER A 45 -4.17 12.00 9.41
C SER A 45 -5.17 11.91 8.26
N GLY A 46 -5.92 12.99 8.05
CA GLY A 46 -6.90 13.02 6.99
C GLY A 46 -7.54 14.39 6.82
N GLY A 1 -33.43 1.38 -9.66
CA GLY A 1 -32.04 1.81 -9.65
C GLY A 1 -31.24 1.12 -8.56
N SER A 2 -30.36 0.21 -8.95
CA SER A 2 -29.53 -0.52 -8.00
C SER A 2 -28.31 -1.11 -8.69
N SER A 3 -27.12 -0.72 -8.23
CA SER A 3 -25.88 -1.21 -8.79
C SER A 3 -25.63 -2.67 -8.41
N GLY A 4 -25.54 -2.92 -7.11
CA GLY A 4 -25.32 -4.28 -6.63
C GLY A 4 -24.08 -4.90 -7.24
N SER A 5 -23.01 -4.13 -7.34
CA SER A 5 -21.77 -4.62 -7.91
C SER A 5 -20.61 -3.68 -7.58
N SER A 6 -19.74 -4.13 -6.68
CA SER A 6 -18.58 -3.32 -6.27
C SER A 6 -17.34 -3.72 -7.06
N GLY A 7 -17.50 -3.87 -8.36
CA GLY A 7 -16.38 -4.25 -9.21
C GLY A 7 -15.73 -5.53 -8.77
N THR A 8 -16.53 -6.59 -8.63
CA THR A 8 -16.02 -7.88 -8.21
C THR A 8 -14.65 -8.17 -8.83
N GLY A 9 -13.62 -8.23 -7.98
CA GLY A 9 -12.28 -8.49 -8.47
C GLY A 9 -11.27 -7.52 -7.89
N GLU A 10 -10.95 -7.69 -6.61
CA GLU A 10 -9.98 -6.82 -5.94
C GLU A 10 -9.03 -7.63 -5.07
N LYS A 11 -7.80 -7.17 -4.96
CA LYS A 11 -6.79 -7.86 -4.15
C LYS A 11 -7.23 -7.93 -2.70
N PRO A 12 -6.89 -9.06 -2.04
CA PRO A 12 -7.23 -9.28 -0.63
C PRO A 12 -6.44 -8.36 0.31
N TYR A 13 -5.18 -8.15 0.00
CA TYR A 13 -4.32 -7.30 0.82
C TYR A 13 -4.38 -5.85 0.34
N ASN A 14 -4.38 -4.93 1.29
CA ASN A 14 -4.43 -3.51 0.97
C ASN A 14 -3.69 -2.67 2.02
N CYS A 15 -2.68 -1.94 1.57
CA CYS A 15 -1.89 -1.10 2.48
C CYS A 15 -2.71 0.08 2.99
N LYS A 16 -2.76 0.23 4.31
CA LYS A 16 -3.51 1.31 4.93
C LYS A 16 -2.66 2.57 5.02
N GLU A 17 -1.36 2.40 5.22
CA GLU A 17 -0.44 3.52 5.32
C GLU A 17 -0.70 4.55 4.23
N CYS A 18 -0.53 4.13 2.97
CA CYS A 18 -0.76 5.01 1.84
C CYS A 18 -2.13 4.76 1.22
N GLY A 19 -2.50 3.49 1.10
CA GLY A 19 -3.79 3.15 0.52
C GLY A 19 -3.66 2.42 -0.81
N LYS A 20 -2.77 1.44 -0.85
CA LYS A 20 -2.56 0.67 -2.08
C LYS A 20 -3.08 -0.75 -1.93
N SER A 21 -2.93 -1.54 -2.98
CA SER A 21 -3.40 -2.93 -2.98
C SER A 21 -2.29 -3.88 -3.43
N PHE A 22 -2.40 -5.14 -3.03
CA PHE A 22 -1.40 -6.14 -3.39
C PHE A 22 -2.05 -7.53 -3.46
N ARG A 23 -1.74 -8.26 -4.54
CA ARG A 23 -2.28 -9.59 -4.74
C ARG A 23 -1.37 -10.65 -4.10
N TRP A 24 -0.76 -10.30 -2.98
CA TRP A 24 0.14 -11.21 -2.28
C TRP A 24 0.57 -10.62 -0.94
N ALA A 25 0.78 -11.50 0.04
CA ALA A 25 1.20 -11.07 1.37
C ALA A 25 2.62 -10.51 1.35
N SER A 26 3.51 -11.20 0.64
CA SER A 26 4.90 -10.78 0.54
C SER A 26 5.01 -9.46 -0.21
N CYS A 27 4.41 -9.41 -1.39
CA CYS A 27 4.44 -8.20 -2.21
C CYS A 27 4.13 -6.96 -1.37
N LEU A 28 3.04 -7.03 -0.62
CA LEU A 28 2.63 -5.91 0.23
C LEU A 28 3.70 -5.59 1.26
N LEU A 29 4.25 -6.64 1.89
CA LEU A 29 5.28 -6.46 2.90
C LEU A 29 6.45 -5.64 2.35
N LYS A 30 7.08 -6.14 1.29
CA LYS A 30 8.20 -5.45 0.68
C LYS A 30 7.90 -3.97 0.51
N HIS A 31 6.68 -3.65 0.13
CA HIS A 31 6.27 -2.26 -0.07
C HIS A 31 6.31 -1.50 1.26
N GLN A 32 5.79 -2.11 2.30
CA GLN A 32 5.76 -1.48 3.62
C GLN A 32 7.09 -0.78 3.91
N ARG A 33 8.14 -1.25 3.26
CA ARG A 33 9.47 -0.66 3.45
C ARG A 33 9.44 0.85 3.22
N VAL A 34 8.75 1.27 2.16
CA VAL A 34 8.65 2.68 1.83
C VAL A 34 8.18 3.49 3.04
N HIS A 35 7.49 2.83 3.96
CA HIS A 35 6.98 3.48 5.16
C HIS A 35 7.98 3.33 6.32
N SER A 36 8.69 2.21 6.32
CA SER A 36 9.66 1.93 7.37
C SER A 36 11.05 2.40 6.96
N GLY A 37 11.38 3.64 7.30
CA GLY A 37 12.68 4.18 6.97
C GLY A 37 13.48 4.60 8.19
N GLU A 38 13.78 5.88 8.30
CA GLU A 38 14.55 6.40 9.42
C GLU A 38 13.62 6.87 10.54
N LYS A 39 13.52 6.06 11.60
CA LYS A 39 12.67 6.39 12.73
C LYS A 39 13.50 6.91 13.90
N PRO A 40 12.95 7.88 14.65
CA PRO A 40 13.61 8.47 15.81
C PRO A 40 13.72 7.50 16.98
N SER A 41 14.93 7.34 17.50
CA SER A 41 15.17 6.44 18.62
C SER A 41 15.72 7.21 19.82
N GLY A 42 15.24 6.84 21.01
CA GLY A 42 15.69 7.50 22.22
C GLY A 42 16.33 6.54 23.20
N PRO A 43 16.77 7.07 24.35
CA PRO A 43 17.41 6.26 25.40
C PRO A 43 16.43 5.32 26.09
N SER A 44 15.18 5.35 25.64
CA SER A 44 14.14 4.50 26.22
C SER A 44 14.28 3.06 25.73
N SER A 45 15.46 2.48 25.96
CA SER A 45 15.72 1.10 25.55
C SER A 45 15.50 0.14 26.70
N GLY A 46 16.26 0.33 27.77
CA GLY A 46 16.14 -0.55 28.94
C GLY A 46 16.71 -1.93 28.69
N GLY A 1 -24.60 -7.69 -9.00
CA GLY A 1 -25.27 -7.09 -7.86
C GLY A 1 -24.53 -7.33 -6.57
N SER A 2 -23.26 -6.91 -6.52
CA SER A 2 -22.43 -7.08 -5.34
C SER A 2 -22.21 -5.75 -4.63
N SER A 3 -23.17 -5.35 -3.79
CA SER A 3 -23.06 -4.09 -3.07
C SER A 3 -22.45 -3.00 -3.94
N GLY A 4 -22.82 -2.99 -5.22
CA GLY A 4 -22.30 -2.00 -6.14
C GLY A 4 -20.95 -2.38 -6.68
N SER A 5 -20.26 -1.41 -7.29
CA SER A 5 -18.94 -1.66 -7.87
C SER A 5 -18.15 -0.36 -7.97
N SER A 6 -16.85 -0.49 -8.22
CA SER A 6 -15.97 0.67 -8.34
C SER A 6 -14.59 0.26 -8.85
N GLY A 7 -14.14 0.94 -9.91
CA GLY A 7 -12.84 0.63 -10.48
C GLY A 7 -12.70 -0.83 -10.85
N THR A 8 -11.54 -1.20 -11.38
CA THR A 8 -11.28 -2.57 -11.78
C THR A 8 -10.10 -3.16 -11.01
N GLY A 9 -10.37 -4.16 -10.18
CA GLY A 9 -9.32 -4.80 -9.41
C GLY A 9 -9.75 -5.07 -7.99
N GLU A 10 -9.77 -6.35 -7.62
CA GLU A 10 -10.17 -6.76 -6.27
C GLU A 10 -9.07 -7.58 -5.60
N LYS A 11 -8.31 -6.93 -4.73
CA LYS A 11 -7.23 -7.61 -4.03
C LYS A 11 -7.54 -7.73 -2.54
N PRO A 12 -7.12 -8.85 -1.94
CA PRO A 12 -7.35 -9.13 -0.51
C PRO A 12 -6.52 -8.21 0.39
N TYR A 13 -5.25 -8.04 0.04
CA TYR A 13 -4.35 -7.20 0.82
C TYR A 13 -4.40 -5.76 0.33
N ASN A 14 -4.52 -4.83 1.26
CA ASN A 14 -4.58 -3.41 0.94
C ASN A 14 -3.83 -2.57 1.97
N CYS A 15 -2.72 -1.98 1.54
CA CYS A 15 -1.91 -1.15 2.43
C CYS A 15 -2.75 -0.04 3.05
N LYS A 16 -2.61 0.11 4.37
CA LYS A 16 -3.36 1.14 5.10
C LYS A 16 -2.55 2.43 5.18
N GLU A 17 -1.23 2.32 5.10
CA GLU A 17 -0.35 3.47 5.17
C GLU A 17 -0.71 4.49 4.08
N CYS A 18 -0.48 4.11 2.83
CA CYS A 18 -0.77 4.98 1.70
C CYS A 18 -2.17 4.71 1.16
N GLY A 19 -2.55 3.45 1.10
CA GLY A 19 -3.86 3.08 0.61
C GLY A 19 -3.80 2.38 -0.75
N LYS A 20 -2.83 1.48 -0.89
CA LYS A 20 -2.66 0.74 -2.13
C LYS A 20 -3.23 -0.67 -2.00
N SER A 21 -3.04 -1.48 -3.05
CA SER A 21 -3.52 -2.85 -3.05
C SER A 21 -2.43 -3.82 -3.49
N PHE A 22 -2.54 -5.08 -3.07
CA PHE A 22 -1.56 -6.10 -3.42
C PHE A 22 -2.22 -7.47 -3.49
N ARG A 23 -1.65 -8.35 -4.32
CA ARG A 23 -2.18 -9.69 -4.49
C ARG A 23 -1.57 -10.64 -3.46
N TRP A 24 -0.24 -10.72 -3.45
CA TRP A 24 0.46 -11.59 -2.51
C TRP A 24 0.88 -10.82 -1.26
N ALA A 25 0.83 -11.50 -0.11
CA ALA A 25 1.22 -10.88 1.15
C ALA A 25 2.62 -10.28 1.07
N SER A 26 3.60 -11.12 0.77
CA SER A 26 4.99 -10.68 0.66
C SER A 26 5.09 -9.40 -0.18
N CYS A 27 4.44 -9.42 -1.34
CA CYS A 27 4.47 -8.26 -2.24
C CYS A 27 4.11 -6.99 -1.48
N LEU A 28 3.11 -7.08 -0.60
CA LEU A 28 2.68 -5.93 0.18
C LEU A 28 3.70 -5.59 1.26
N LEU A 29 4.21 -6.62 1.94
CA LEU A 29 5.20 -6.43 2.99
C LEU A 29 6.39 -5.62 2.48
N LYS A 30 7.04 -6.13 1.44
CA LYS A 30 8.19 -5.44 0.86
C LYS A 30 7.89 -3.97 0.60
N HIS A 31 6.68 -3.70 0.14
CA HIS A 31 6.27 -2.33 -0.15
C HIS A 31 6.28 -1.49 1.13
N GLN A 32 5.76 -2.05 2.21
CA GLN A 32 5.72 -1.35 3.49
C GLN A 32 7.06 -0.69 3.79
N ARG A 33 8.13 -1.27 3.27
CA ARG A 33 9.47 -0.75 3.49
C ARG A 33 9.49 0.77 3.37
N VAL A 34 8.92 1.28 2.28
CA VAL A 34 8.86 2.73 2.05
C VAL A 34 8.33 3.46 3.27
N HIS A 35 7.40 2.83 3.99
CA HIS A 35 6.81 3.42 5.18
C HIS A 35 7.73 3.23 6.39
N SER A 36 8.44 2.10 6.41
CA SER A 36 9.33 1.80 7.52
C SER A 36 10.79 1.82 7.06
N GLY A 37 11.35 3.02 6.93
CA GLY A 37 12.73 3.17 6.50
C GLY A 37 13.70 2.50 7.44
N GLU A 38 14.11 3.22 8.48
CA GLU A 38 15.05 2.69 9.46
C GLU A 38 15.19 3.63 10.65
N LYS A 39 14.94 3.10 11.84
CA LYS A 39 15.02 3.90 13.06
C LYS A 39 15.74 3.13 14.17
N PRO A 40 16.53 3.84 14.98
CA PRO A 40 17.28 3.23 16.09
C PRO A 40 16.37 2.76 17.22
N SER A 41 15.48 3.65 17.66
CA SER A 41 14.56 3.32 18.74
C SER A 41 13.11 3.44 18.28
N GLY A 42 12.26 2.54 18.75
CA GLY A 42 10.86 2.56 18.37
C GLY A 42 9.95 2.92 19.53
N PRO A 43 10.12 4.13 20.08
CA PRO A 43 9.32 4.61 21.20
C PRO A 43 7.87 4.89 20.80
N SER A 44 7.67 5.29 19.55
CA SER A 44 6.33 5.58 19.05
C SER A 44 5.88 4.53 18.04
N SER A 45 5.37 3.41 18.55
CA SER A 45 4.90 2.34 17.70
C SER A 45 5.91 2.05 16.59
N GLY A 46 7.19 2.06 16.94
CA GLY A 46 8.23 1.80 15.96
C GLY A 46 8.37 2.93 14.96
N GLY A 1 -4.33 11.57 -16.18
CA GLY A 1 -5.16 12.40 -17.04
C GLY A 1 -5.92 11.59 -18.08
N SER A 2 -5.18 10.92 -18.95
CA SER A 2 -5.79 10.10 -19.99
C SER A 2 -6.59 8.95 -19.39
N SER A 3 -7.80 8.74 -19.91
CA SER A 3 -8.67 7.68 -19.41
C SER A 3 -8.21 6.33 -19.93
N GLY A 4 -8.78 5.27 -19.36
CA GLY A 4 -8.41 3.92 -19.77
C GLY A 4 -8.12 3.02 -18.60
N SER A 5 -6.96 3.22 -17.97
CA SER A 5 -6.56 2.40 -16.82
C SER A 5 -6.51 3.25 -15.55
N SER A 6 -7.37 2.92 -14.59
CA SER A 6 -7.43 3.64 -13.33
C SER A 6 -7.27 2.69 -12.15
N GLY A 7 -7.03 3.25 -10.97
CA GLY A 7 -6.87 2.45 -9.78
C GLY A 7 -8.10 1.61 -9.47
N THR A 8 -7.99 0.31 -9.67
CA THR A 8 -9.11 -0.60 -9.41
C THR A 8 -8.65 -2.06 -9.46
N GLY A 9 -9.25 -2.89 -8.62
CA GLY A 9 -8.90 -4.30 -8.58
C GLY A 9 -9.18 -4.93 -7.23
N GLU A 10 -9.90 -6.05 -7.24
CA GLU A 10 -10.23 -6.75 -6.01
C GLU A 10 -9.02 -7.50 -5.47
N LYS A 11 -8.47 -7.01 -4.36
CA LYS A 11 -7.31 -7.63 -3.73
C LYS A 11 -7.53 -7.82 -2.24
N PRO A 12 -7.01 -8.92 -1.70
CA PRO A 12 -7.13 -9.23 -0.27
C PRO A 12 -6.30 -8.30 0.61
N TYR A 13 -5.06 -8.06 0.19
CA TYR A 13 -4.17 -7.19 0.94
C TYR A 13 -4.37 -5.73 0.54
N ASN A 14 -4.38 -4.84 1.54
CA ASN A 14 -4.57 -3.42 1.30
C ASN A 14 -3.71 -2.59 2.23
N CYS A 15 -2.76 -1.85 1.68
CA CYS A 15 -1.87 -1.01 2.47
C CYS A 15 -2.62 0.21 3.01
N LYS A 16 -2.69 0.30 4.34
CA LYS A 16 -3.37 1.41 4.99
C LYS A 16 -2.50 2.67 4.99
N GLU A 17 -1.18 2.45 5.06
CA GLU A 17 -0.23 3.57 5.07
C GLU A 17 -0.56 4.57 3.96
N CYS A 18 -0.43 4.13 2.72
CA CYS A 18 -0.70 4.99 1.57
C CYS A 18 -2.11 4.75 1.05
N GLY A 19 -2.51 3.48 0.97
CA GLY A 19 -3.82 3.14 0.48
C GLY A 19 -3.78 2.33 -0.80
N LYS A 20 -2.72 1.54 -0.97
CA LYS A 20 -2.56 0.71 -2.16
C LYS A 20 -3.13 -0.68 -1.93
N SER A 21 -2.95 -1.55 -2.91
CA SER A 21 -3.46 -2.92 -2.82
C SER A 21 -2.56 -3.87 -3.60
N PHE A 22 -2.46 -5.11 -3.10
CA PHE A 22 -1.64 -6.13 -3.75
C PHE A 22 -2.35 -7.48 -3.77
N ARG A 23 -1.86 -8.38 -4.62
CA ARG A 23 -2.47 -9.71 -4.75
C ARG A 23 -1.92 -10.64 -3.68
N TRP A 24 -0.61 -10.81 -3.64
CA TRP A 24 0.03 -11.69 -2.66
C TRP A 24 0.34 -10.93 -1.38
N ALA A 25 0.99 -11.60 -0.44
CA ALA A 25 1.35 -10.99 0.84
C ALA A 25 2.75 -10.38 0.77
N SER A 26 3.76 -11.23 0.63
CA SER A 26 5.14 -10.76 0.57
C SER A 26 5.23 -9.43 -0.16
N CYS A 27 4.68 -9.38 -1.37
CA CYS A 27 4.71 -8.16 -2.17
C CYS A 27 4.34 -6.95 -1.32
N LEU A 28 3.28 -7.07 -0.55
CA LEU A 28 2.82 -5.98 0.30
C LEU A 28 3.85 -5.68 1.40
N LEU A 29 4.35 -6.74 2.04
CA LEU A 29 5.33 -6.59 3.10
C LEU A 29 6.55 -5.80 2.61
N LYS A 30 7.02 -6.14 1.42
CA LYS A 30 8.17 -5.46 0.84
C LYS A 30 7.88 -3.97 0.62
N HIS A 31 6.66 -3.69 0.15
CA HIS A 31 6.25 -2.30 -0.11
C HIS A 31 6.21 -1.50 1.19
N GLN A 32 5.64 -2.10 2.23
CA GLN A 32 5.53 -1.44 3.52
C GLN A 32 6.83 -0.75 3.89
N ARG A 33 7.94 -1.24 3.35
CA ARG A 33 9.24 -0.67 3.61
C ARG A 33 9.21 0.85 3.50
N VAL A 34 8.64 1.35 2.41
CA VAL A 34 8.54 2.79 2.18
C VAL A 34 7.99 3.50 3.41
N HIS A 35 7.10 2.82 4.14
CA HIS A 35 6.51 3.40 5.34
C HIS A 35 7.33 3.04 6.57
N SER A 36 8.62 2.78 6.36
CA SER A 36 9.52 2.43 7.46
C SER A 36 10.25 3.66 7.99
N GLY A 37 10.38 3.75 9.32
CA GLY A 37 11.05 4.87 9.93
C GLY A 37 12.52 4.94 9.57
N GLU A 38 13.05 6.15 9.48
CA GLU A 38 14.46 6.35 9.14
C GLU A 38 15.16 7.21 10.18
N LYS A 39 14.76 7.04 11.45
CA LYS A 39 15.35 7.79 12.55
C LYS A 39 15.77 6.86 13.68
N PRO A 40 16.90 7.19 14.33
CA PRO A 40 17.44 6.40 15.44
C PRO A 40 16.57 6.49 16.68
N SER A 41 16.24 7.72 17.09
CA SER A 41 15.42 7.94 18.27
C SER A 41 14.01 8.36 17.88
N GLY A 42 13.01 7.73 18.50
CA GLY A 42 11.63 8.07 18.20
C GLY A 42 10.67 6.99 18.66
N PRO A 43 10.30 7.02 19.95
CA PRO A 43 9.37 6.04 20.52
C PRO A 43 7.95 6.21 20.01
N SER A 44 7.59 5.41 19.02
CA SER A 44 6.26 5.47 18.43
C SER A 44 6.03 6.81 17.72
N SER A 45 7.05 7.27 17.01
CA SER A 45 6.97 8.53 16.29
C SER A 45 7.10 8.32 14.79
N GLY A 46 6.11 8.79 14.04
CA GLY A 46 6.13 8.64 12.59
C GLY A 46 5.33 7.44 12.13
N GLY A 1 -3.16 22.73 -15.83
CA GLY A 1 -3.12 21.37 -16.34
C GLY A 1 -3.29 20.34 -15.25
N SER A 2 -4.25 19.43 -15.44
CA SER A 2 -4.52 18.39 -14.46
C SER A 2 -4.51 17.01 -15.12
N SER A 3 -3.99 16.02 -14.40
CA SER A 3 -3.91 14.66 -14.91
C SER A 3 -3.75 13.66 -13.77
N GLY A 4 -4.02 12.39 -14.05
CA GLY A 4 -3.90 11.36 -13.05
C GLY A 4 -4.43 10.02 -13.53
N SER A 5 -3.52 9.14 -13.95
CA SER A 5 -3.91 7.82 -14.44
C SER A 5 -4.91 7.16 -13.49
N SER A 6 -6.06 6.78 -14.02
CA SER A 6 -7.10 6.14 -13.23
C SER A 6 -7.18 4.65 -13.54
N GLY A 7 -7.53 3.86 -12.53
CA GLY A 7 -7.64 2.42 -12.71
C GLY A 7 -7.45 1.66 -11.42
N THR A 8 -8.36 0.73 -11.15
CA THR A 8 -8.29 -0.08 -9.93
C THR A 8 -8.82 -1.48 -10.18
N GLY A 9 -8.13 -2.47 -9.61
CA GLY A 9 -8.55 -3.86 -9.78
C GLY A 9 -9.21 -4.42 -8.53
N GLU A 10 -8.88 -5.65 -8.19
CA GLU A 10 -9.45 -6.31 -7.02
C GLU A 10 -8.41 -7.18 -6.32
N LYS A 11 -8.04 -6.78 -5.11
CA LYS A 11 -7.05 -7.53 -4.33
C LYS A 11 -7.46 -7.61 -2.87
N PRO A 12 -7.16 -8.75 -2.23
CA PRO A 12 -7.50 -8.99 -0.82
C PRO A 12 -6.66 -8.14 0.12
N TYR A 13 -5.38 -7.95 -0.23
CA TYR A 13 -4.48 -7.15 0.59
C TYR A 13 -4.53 -5.68 0.18
N ASN A 14 -4.59 -4.81 1.18
CA ASN A 14 -4.64 -3.38 0.93
C ASN A 14 -3.92 -2.61 2.03
N CYS A 15 -2.83 -1.92 1.66
CA CYS A 15 -2.05 -1.15 2.61
C CYS A 15 -2.90 -0.09 3.29
N LYS A 16 -2.48 0.35 4.47
CA LYS A 16 -3.21 1.35 5.23
C LYS A 16 -2.48 2.70 5.18
N GLU A 17 -1.16 2.65 5.25
CA GLU A 17 -0.35 3.86 5.22
C GLU A 17 -0.74 4.74 4.04
N CYS A 18 -0.59 4.21 2.83
CA CYS A 18 -0.93 4.96 1.63
C CYS A 18 -2.30 4.54 1.10
N GLY A 19 -2.59 3.25 1.20
CA GLY A 19 -3.87 2.74 0.72
C GLY A 19 -3.75 1.97 -0.58
N LYS A 20 -2.58 1.38 -0.81
CA LYS A 20 -2.34 0.61 -2.01
C LYS A 20 -2.94 -0.79 -1.90
N SER A 21 -2.71 -1.61 -2.91
CA SER A 21 -3.23 -2.98 -2.92
C SER A 21 -2.16 -3.95 -3.41
N PHE A 22 -2.32 -5.22 -3.03
CA PHE A 22 -1.39 -6.26 -3.42
C PHE A 22 -2.07 -7.62 -3.50
N ARG A 23 -1.51 -8.52 -4.31
CA ARG A 23 -2.07 -9.85 -4.47
C ARG A 23 -1.59 -10.78 -3.36
N TRP A 24 -0.28 -10.87 -3.19
CA TRP A 24 0.30 -11.73 -2.16
C TRP A 24 0.81 -10.89 -1.00
N ALA A 25 0.97 -11.53 0.17
CA ALA A 25 1.46 -10.85 1.35
C ALA A 25 2.80 -10.16 1.09
N SER A 26 3.78 -10.95 0.67
CA SER A 26 5.12 -10.42 0.38
C SER A 26 5.01 -9.13 -0.42
N CYS A 27 4.34 -9.19 -1.56
CA CYS A 27 4.18 -8.02 -2.42
C CYS A 27 3.81 -6.79 -1.61
N LEU A 28 3.00 -6.99 -0.57
CA LEU A 28 2.57 -5.90 0.29
C LEU A 28 3.64 -5.55 1.31
N LEU A 29 4.27 -6.58 1.89
CA LEU A 29 5.32 -6.37 2.87
C LEU A 29 6.49 -5.61 2.27
N LYS A 30 7.05 -6.15 1.19
CA LYS A 30 8.18 -5.51 0.52
C LYS A 30 7.89 -4.03 0.24
N HIS A 31 6.60 -3.69 0.18
CA HIS A 31 6.19 -2.32 -0.08
C HIS A 31 6.22 -1.50 1.20
N GLN A 32 5.59 -2.01 2.25
CA GLN A 32 5.55 -1.32 3.53
C GLN A 32 6.92 -0.73 3.88
N ARG A 33 7.97 -1.35 3.35
CA ARG A 33 9.33 -0.89 3.62
C ARG A 33 9.45 0.61 3.40
N VAL A 34 8.88 1.09 2.30
CA VAL A 34 8.92 2.51 1.97
C VAL A 34 8.43 3.36 3.15
N HIS A 35 7.36 2.90 3.79
CA HIS A 35 6.79 3.61 4.93
C HIS A 35 7.74 3.55 6.13
N SER A 36 8.51 2.48 6.23
CA SER A 36 9.45 2.31 7.33
C SER A 36 8.74 2.45 8.67
N GLY A 37 7.63 1.74 8.83
CA GLY A 37 6.87 1.80 10.06
C GLY A 37 7.77 1.95 11.28
N GLU A 38 8.18 0.82 11.85
CA GLU A 38 9.04 0.82 13.02
C GLU A 38 9.60 -0.56 13.29
N LYS A 39 10.77 -0.62 13.92
CA LYS A 39 11.41 -1.89 14.25
C LYS A 39 11.93 -1.89 15.69
N PRO A 40 11.83 -3.05 16.35
CA PRO A 40 12.28 -3.22 17.72
C PRO A 40 13.79 -3.15 17.86
N SER A 41 14.48 -3.19 16.73
CA SER A 41 15.95 -3.14 16.71
C SER A 41 16.44 -1.70 16.77
N GLY A 42 15.69 -0.80 16.15
CA GLY A 42 16.07 0.61 16.15
C GLY A 42 15.74 1.30 17.46
N PRO A 43 14.57 1.96 17.51
CA PRO A 43 14.11 2.67 18.70
C PRO A 43 13.74 1.72 19.84
N SER A 44 13.55 0.46 19.50
CA SER A 44 13.19 -0.56 20.49
C SER A 44 12.16 0.00 21.48
N SER A 45 11.29 0.87 20.98
CA SER A 45 10.26 1.47 21.82
C SER A 45 9.16 0.47 22.15
N GLY A 46 9.36 -0.29 23.21
CA GLY A 46 8.38 -1.29 23.61
C GLY A 46 9.02 -2.57 24.11
N GLY A 1 -3.94 9.99 -23.82
CA GLY A 1 -4.50 9.07 -22.84
C GLY A 1 -4.91 7.75 -23.46
N SER A 2 -4.73 6.67 -22.71
CA SER A 2 -5.08 5.34 -23.19
C SER A 2 -5.94 4.60 -22.17
N SER A 3 -7.17 4.28 -22.58
CA SER A 3 -8.09 3.57 -21.69
C SER A 3 -8.02 2.06 -21.92
N GLY A 4 -8.28 1.30 -20.86
CA GLY A 4 -8.24 -0.15 -20.97
C GLY A 4 -8.24 -0.82 -19.61
N SER A 5 -9.05 -1.87 -19.47
CA SER A 5 -9.14 -2.60 -18.22
C SER A 5 -9.51 -4.06 -18.46
N SER A 6 -8.57 -4.96 -18.17
CA SER A 6 -8.79 -6.39 -18.37
C SER A 6 -8.60 -7.15 -17.06
N GLY A 7 -9.67 -7.21 -16.26
CA GLY A 7 -9.61 -7.91 -14.99
C GLY A 7 -9.78 -6.98 -13.81
N THR A 8 -11.03 -6.58 -13.55
CA THR A 8 -11.33 -5.68 -12.45
C THR A 8 -11.59 -6.46 -11.17
N GLY A 9 -11.17 -5.90 -10.04
CA GLY A 9 -11.36 -6.56 -8.76
C GLY A 9 -10.62 -5.86 -7.63
N GLU A 10 -10.58 -6.50 -6.47
CA GLU A 10 -9.90 -5.94 -5.32
C GLU A 10 -9.06 -7.00 -4.60
N LYS A 11 -7.75 -6.80 -4.59
CA LYS A 11 -6.84 -7.74 -3.93
C LYS A 11 -7.18 -7.90 -2.46
N PRO A 12 -6.82 -9.06 -1.89
CA PRO A 12 -7.07 -9.36 -0.48
C PRO A 12 -6.23 -8.51 0.47
N TYR A 13 -5.05 -8.11 -0.01
CA TYR A 13 -4.15 -7.29 0.79
C TYR A 13 -4.16 -5.84 0.33
N ASN A 14 -4.29 -4.92 1.28
CA ASN A 14 -4.32 -3.49 0.96
C ASN A 14 -3.63 -2.68 2.06
N CYS A 15 -2.64 -1.88 1.66
CA CYS A 15 -1.89 -1.06 2.60
C CYS A 15 -2.78 0.07 3.13
N LYS A 16 -2.67 0.33 4.43
CA LYS A 16 -3.45 1.38 5.07
C LYS A 16 -2.64 2.67 5.18
N GLU A 17 -1.32 2.53 5.21
CA GLU A 17 -0.43 3.68 5.31
C GLU A 17 -0.68 4.66 4.17
N CYS A 18 -0.57 4.17 2.93
CA CYS A 18 -0.78 4.99 1.75
C CYS A 18 -2.14 4.71 1.12
N GLY A 19 -2.53 3.44 1.12
CA GLY A 19 -3.81 3.06 0.55
C GLY A 19 -3.66 2.33 -0.77
N LYS A 20 -2.70 1.42 -0.84
CA LYS A 20 -2.45 0.65 -2.05
C LYS A 20 -2.99 -0.78 -1.91
N SER A 21 -2.86 -1.56 -2.98
CA SER A 21 -3.34 -2.93 -2.98
C SER A 21 -2.24 -3.88 -3.48
N PHE A 22 -2.30 -5.13 -3.01
CA PHE A 22 -1.31 -6.13 -3.41
C PHE A 22 -1.96 -7.51 -3.49
N ARG A 23 -1.72 -8.21 -4.59
CA ARG A 23 -2.27 -9.54 -4.79
C ARG A 23 -1.75 -10.51 -3.73
N TRP A 24 -0.43 -10.63 -3.64
CA TRP A 24 0.20 -11.51 -2.66
C TRP A 24 0.58 -10.76 -1.39
N ALA A 25 0.64 -11.48 -0.28
CA ALA A 25 1.01 -10.86 1.00
C ALA A 25 2.45 -10.37 0.99
N SER A 26 3.37 -11.27 0.66
CA SER A 26 4.79 -10.92 0.62
C SER A 26 5.00 -9.58 -0.08
N CYS A 27 4.34 -9.41 -1.22
CA CYS A 27 4.46 -8.17 -1.99
C CYS A 27 4.19 -6.96 -1.11
N LEU A 28 3.01 -6.92 -0.50
CA LEU A 28 2.62 -5.82 0.37
C LEU A 28 3.68 -5.57 1.44
N LEU A 29 4.17 -6.66 2.03
CA LEU A 29 5.18 -6.57 3.07
C LEU A 29 6.41 -5.81 2.58
N LYS A 30 6.89 -6.17 1.40
CA LYS A 30 8.06 -5.52 0.82
C LYS A 30 7.80 -4.03 0.60
N HIS A 31 6.59 -3.72 0.13
CA HIS A 31 6.21 -2.33 -0.12
C HIS A 31 6.25 -1.51 1.17
N GLN A 32 5.78 -2.11 2.26
CA GLN A 32 5.76 -1.45 3.56
C GLN A 32 7.08 -0.72 3.82
N ARG A 33 8.14 -1.19 3.17
CA ARG A 33 9.45 -0.57 3.33
C ARG A 33 9.39 0.93 3.12
N VAL A 34 8.68 1.35 2.08
CA VAL A 34 8.53 2.77 1.77
C VAL A 34 8.06 3.55 2.98
N HIS A 35 7.38 2.87 3.90
CA HIS A 35 6.87 3.49 5.11
C HIS A 35 7.84 3.30 6.27
N SER A 36 8.53 2.16 6.27
CA SER A 36 9.48 1.85 7.33
C SER A 36 10.59 2.89 7.38
N GLY A 37 11.14 3.23 6.21
CA GLY A 37 12.20 4.22 6.14
C GLY A 37 11.72 5.56 5.66
N GLU A 38 11.00 5.56 4.54
CA GLU A 38 10.48 6.80 3.97
C GLU A 38 11.59 7.62 3.33
N LYS A 39 12.49 6.94 2.62
CA LYS A 39 13.60 7.60 1.96
C LYS A 39 14.37 6.62 1.08
N PRO A 40 14.85 7.10 -0.07
CA PRO A 40 15.62 6.29 -1.02
C PRO A 40 16.99 5.92 -0.49
N SER A 41 17.26 4.62 -0.38
CA SER A 41 18.54 4.14 0.12
C SER A 41 19.68 4.62 -0.76
N GLY A 42 20.58 5.42 -0.19
CA GLY A 42 21.70 5.93 -0.95
C GLY A 42 21.92 7.41 -0.72
N PRO A 43 23.18 7.86 -0.92
CA PRO A 43 23.55 9.27 -0.73
C PRO A 43 22.94 10.17 -1.81
N SER A 44 22.91 9.68 -3.04
CA SER A 44 22.37 10.43 -4.17
C SER A 44 21.85 9.50 -5.25
N SER A 45 20.87 9.97 -6.01
CA SER A 45 20.27 9.18 -7.09
C SER A 45 20.91 9.53 -8.43
N GLY A 46 20.82 8.62 -9.39
CA GLY A 46 21.38 8.85 -10.70
C GLY A 46 20.78 10.06 -11.38
N GLY A 1 -18.91 9.55 -14.07
CA GLY A 1 -18.79 8.24 -14.69
C GLY A 1 -19.07 8.29 -16.18
N SER A 2 -18.16 7.74 -16.98
CA SER A 2 -18.31 7.72 -18.43
C SER A 2 -18.27 6.30 -18.96
N SER A 3 -19.42 5.63 -18.93
CA SER A 3 -19.52 4.25 -19.41
C SER A 3 -18.44 3.38 -18.79
N GLY A 4 -18.20 3.58 -17.49
CA GLY A 4 -17.19 2.81 -16.79
C GLY A 4 -15.79 3.34 -17.03
N SER A 5 -15.17 3.86 -15.98
CA SER A 5 -13.82 4.41 -16.08
C SER A 5 -12.78 3.30 -16.06
N SER A 6 -12.82 2.48 -15.02
CA SER A 6 -11.88 1.37 -14.89
C SER A 6 -12.38 0.36 -13.85
N GLY A 7 -11.83 -0.85 -13.90
CA GLY A 7 -12.23 -1.89 -12.97
C GLY A 7 -11.04 -2.53 -12.28
N THR A 8 -10.32 -1.73 -11.49
CA THR A 8 -9.15 -2.24 -10.77
C THR A 8 -9.46 -3.56 -10.09
N GLY A 9 -8.75 -4.61 -10.49
CA GLY A 9 -8.96 -5.91 -9.90
C GLY A 9 -8.99 -5.86 -8.38
N GLU A 10 -10.01 -6.48 -7.79
CA GLU A 10 -10.15 -6.50 -6.34
C GLU A 10 -9.08 -7.38 -5.70
N LYS A 11 -8.28 -6.78 -4.83
CA LYS A 11 -7.22 -7.51 -4.15
C LYS A 11 -7.51 -7.62 -2.65
N PRO A 12 -7.13 -8.77 -2.07
CA PRO A 12 -7.34 -9.03 -0.63
C PRO A 12 -6.45 -8.18 0.25
N TYR A 13 -5.19 -8.03 -0.14
CA TYR A 13 -4.23 -7.24 0.63
C TYR A 13 -4.27 -5.78 0.18
N ASN A 14 -4.43 -4.87 1.14
CA ASN A 14 -4.48 -3.45 0.85
C ASN A 14 -3.77 -2.66 1.94
N CYS A 15 -2.67 -2.00 1.56
CA CYS A 15 -1.89 -1.19 2.50
C CYS A 15 -2.78 -0.17 3.19
N LYS A 16 -2.50 0.08 4.46
CA LYS A 16 -3.26 1.05 5.24
C LYS A 16 -2.54 2.39 5.33
N GLU A 17 -1.22 2.35 5.19
CA GLU A 17 -0.40 3.56 5.25
C GLU A 17 -0.77 4.51 4.11
N CYS A 18 -0.54 4.07 2.89
CA CYS A 18 -0.85 4.89 1.72
C CYS A 18 -2.24 4.57 1.17
N GLY A 19 -2.56 3.27 1.12
CA GLY A 19 -3.86 2.85 0.63
C GLY A 19 -3.76 2.12 -0.69
N LYS A 20 -2.65 1.41 -0.90
CA LYS A 20 -2.44 0.66 -2.13
C LYS A 20 -3.01 -0.74 -2.01
N SER A 21 -2.86 -1.53 -3.09
CA SER A 21 -3.37 -2.90 -3.11
C SER A 21 -2.26 -3.88 -3.46
N PHE A 22 -2.49 -5.15 -3.18
CA PHE A 22 -1.51 -6.20 -3.47
C PHE A 22 -2.19 -7.56 -3.56
N ARG A 23 -1.69 -8.40 -4.46
CA ARG A 23 -2.25 -9.74 -4.64
C ARG A 23 -1.72 -10.70 -3.58
N TRP A 24 -0.41 -10.65 -3.34
CA TRP A 24 0.22 -11.52 -2.35
C TRP A 24 0.65 -10.72 -1.13
N ALA A 25 0.71 -11.38 0.02
CA ALA A 25 1.11 -10.74 1.26
C ALA A 25 2.54 -10.20 1.18
N SER A 26 3.47 -11.08 0.79
CA SER A 26 4.87 -10.71 0.68
C SER A 26 5.02 -9.44 -0.17
N CYS A 27 4.24 -9.35 -1.23
CA CYS A 27 4.29 -8.19 -2.12
C CYS A 27 3.99 -6.91 -1.36
N LEU A 28 3.06 -6.99 -0.40
CA LEU A 28 2.68 -5.84 0.40
C LEU A 28 3.74 -5.53 1.45
N LEU A 29 4.28 -6.59 2.06
CA LEU A 29 5.30 -6.43 3.09
C LEU A 29 6.51 -5.68 2.55
N LYS A 30 6.93 -6.04 1.33
CA LYS A 30 8.07 -5.40 0.69
C LYS A 30 7.82 -3.90 0.51
N HIS A 31 6.64 -3.57 0.00
CA HIS A 31 6.27 -2.18 -0.23
C HIS A 31 6.33 -1.38 1.07
N GLN A 32 5.78 -1.96 2.13
CA GLN A 32 5.77 -1.31 3.44
C GLN A 32 7.13 -0.69 3.76
N ARG A 33 8.17 -1.22 3.13
CA ARG A 33 9.53 -0.73 3.34
C ARG A 33 9.57 0.79 3.26
N VAL A 34 8.90 1.35 2.26
CA VAL A 34 8.85 2.79 2.08
C VAL A 34 8.25 3.49 3.29
N HIS A 35 7.31 2.81 3.95
CA HIS A 35 6.64 3.36 5.12
C HIS A 35 7.47 3.11 6.38
N SER A 36 8.24 2.02 6.37
CA SER A 36 9.08 1.66 7.51
C SER A 36 10.04 2.81 7.85
N GLY A 37 10.74 2.66 8.97
CA GLY A 37 11.68 3.67 9.40
C GLY A 37 12.87 3.79 8.46
N GLU A 38 14.02 4.15 9.01
CA GLU A 38 15.23 4.30 8.22
C GLU A 38 14.92 4.90 6.85
N LYS A 39 13.95 5.80 6.82
CA LYS A 39 13.55 6.45 5.57
C LYS A 39 13.90 7.93 5.59
N PRO A 40 14.32 8.46 4.42
CA PRO A 40 14.69 9.86 4.29
C PRO A 40 13.49 10.80 4.39
N SER A 41 13.74 12.10 4.28
CA SER A 41 12.69 13.09 4.37
C SER A 41 12.03 13.31 2.99
N GLY A 42 10.71 13.44 3.00
CA GLY A 42 9.98 13.64 1.76
C GLY A 42 8.67 14.39 1.96
N PRO A 43 7.58 13.64 2.10
CA PRO A 43 6.24 14.21 2.31
C PRO A 43 6.10 14.86 3.69
N SER A 44 5.16 15.80 3.79
CA SER A 44 4.93 16.50 5.05
C SER A 44 3.47 16.90 5.18
N SER A 45 3.04 17.18 6.41
CA SER A 45 1.66 17.56 6.68
C SER A 45 1.56 18.37 7.96
N GLY A 46 0.41 19.02 8.17
CA GLY A 46 0.21 19.81 9.37
C GLY A 46 0.52 19.05 10.63
N GLY A 1 0.58 9.58 -12.07
CA GLY A 1 1.22 8.30 -11.81
C GLY A 1 0.49 7.14 -12.46
N SER A 2 0.21 6.11 -11.67
CA SER A 2 -0.49 4.93 -12.16
C SER A 2 -1.81 4.72 -11.41
N SER A 3 -2.83 5.46 -11.82
CA SER A 3 -4.14 5.36 -11.18
C SER A 3 -5.25 5.33 -12.23
N GLY A 4 -5.82 4.14 -12.44
CA GLY A 4 -6.89 4.00 -13.40
C GLY A 4 -8.18 4.63 -12.94
N SER A 5 -9.23 4.49 -13.75
CA SER A 5 -10.53 5.05 -13.42
C SER A 5 -11.23 4.22 -12.34
N SER A 6 -10.87 4.47 -11.08
CA SER A 6 -11.45 3.74 -9.96
C SER A 6 -11.60 2.26 -10.30
N GLY A 7 -10.56 1.70 -10.90
CA GLY A 7 -10.59 0.28 -11.26
C GLY A 7 -11.11 -0.59 -10.14
N THR A 8 -11.70 -1.72 -10.51
CA THR A 8 -12.25 -2.65 -9.51
C THR A 8 -11.25 -2.89 -8.38
N GLY A 9 -10.07 -3.39 -8.73
CA GLY A 9 -9.06 -3.66 -7.73
C GLY A 9 -9.55 -4.57 -6.63
N GLU A 10 -9.80 -5.83 -6.98
CA GLU A 10 -10.29 -6.81 -6.01
C GLU A 10 -9.12 -7.63 -5.45
N LYS A 11 -8.50 -7.12 -4.39
CA LYS A 11 -7.39 -7.81 -3.76
C LYS A 11 -7.61 -7.94 -2.26
N PRO A 12 -7.16 -9.07 -1.68
CA PRO A 12 -7.30 -9.35 -0.26
C PRO A 12 -6.42 -8.45 0.60
N TYR A 13 -5.25 -8.11 0.08
CA TYR A 13 -4.30 -7.27 0.79
C TYR A 13 -4.45 -5.81 0.37
N ASN A 14 -4.47 -4.92 1.34
CA ASN A 14 -4.61 -3.48 1.07
C ASN A 14 -3.84 -2.66 2.10
N CYS A 15 -2.92 -1.84 1.62
CA CYS A 15 -2.12 -0.99 2.50
C CYS A 15 -2.91 0.24 2.94
N LYS A 16 -3.11 0.37 4.25
CA LYS A 16 -3.85 1.50 4.80
C LYS A 16 -2.96 2.73 4.90
N GLU A 17 -1.68 2.51 5.18
CA GLU A 17 -0.73 3.61 5.30
C GLU A 17 -0.88 4.61 4.16
N CYS A 18 -0.58 4.15 2.95
CA CYS A 18 -0.69 5.01 1.77
C CYS A 18 -2.06 4.83 1.09
N GLY A 19 -2.50 3.59 1.01
CA GLY A 19 -3.78 3.30 0.38
C GLY A 19 -3.64 2.50 -0.89
N LYS A 20 -2.65 1.61 -0.93
CA LYS A 20 -2.41 0.77 -2.09
C LYS A 20 -2.96 -0.64 -1.88
N SER A 21 -2.78 -1.49 -2.88
CA SER A 21 -3.26 -2.86 -2.81
C SER A 21 -2.18 -3.84 -3.26
N PHE A 22 -2.39 -5.12 -2.98
CA PHE A 22 -1.44 -6.16 -3.37
C PHE A 22 -2.13 -7.52 -3.47
N ARG A 23 -1.71 -8.31 -4.46
CA ARG A 23 -2.28 -9.64 -4.66
C ARG A 23 -1.82 -10.60 -3.58
N TRP A 24 -0.51 -10.71 -3.39
CA TRP A 24 0.05 -11.60 -2.39
C TRP A 24 0.51 -10.82 -1.16
N ALA A 25 0.97 -11.54 -0.14
CA ALA A 25 1.44 -10.91 1.09
C ALA A 25 2.85 -10.35 0.91
N SER A 26 3.78 -11.22 0.56
CA SER A 26 5.17 -10.81 0.37
C SER A 26 5.25 -9.55 -0.49
N CYS A 27 4.32 -9.42 -1.44
CA CYS A 27 4.29 -8.26 -2.32
C CYS A 27 4.02 -6.98 -1.53
N LEU A 28 3.12 -7.07 -0.57
CA LEU A 28 2.76 -5.92 0.26
C LEU A 28 3.84 -5.66 1.31
N LEU A 29 4.37 -6.73 1.88
CA LEU A 29 5.42 -6.62 2.89
C LEU A 29 6.58 -5.78 2.39
N LYS A 30 7.18 -6.20 1.28
CA LYS A 30 8.30 -5.50 0.70
C LYS A 30 7.98 -4.02 0.51
N HIS A 31 6.75 -3.73 0.11
CA HIS A 31 6.31 -2.36 -0.11
C HIS A 31 6.38 -1.56 1.21
N GLN A 32 5.81 -2.13 2.26
CA GLN A 32 5.81 -1.48 3.57
C GLN A 32 7.14 -0.78 3.84
N ARG A 33 8.21 -1.32 3.26
CA ARG A 33 9.54 -0.75 3.43
C ARG A 33 9.48 0.78 3.39
N VAL A 34 8.85 1.31 2.35
CA VAL A 34 8.72 2.75 2.18
C VAL A 34 8.26 3.42 3.46
N HIS A 35 7.34 2.75 4.17
CA HIS A 35 6.82 3.27 5.42
C HIS A 35 7.77 2.98 6.58
N SER A 36 8.44 1.85 6.52
CA SER A 36 9.38 1.45 7.56
C SER A 36 10.67 2.26 7.47
N GLY A 37 10.93 3.07 8.50
CA GLY A 37 12.13 3.89 8.51
C GLY A 37 12.34 4.57 9.84
N GLU A 38 13.31 5.47 9.89
CA GLU A 38 13.62 6.20 11.12
C GLU A 38 12.35 6.62 11.84
N LYS A 39 12.14 6.08 13.03
CA LYS A 39 10.95 6.39 13.82
C LYS A 39 11.11 5.89 15.26
N PRO A 40 10.64 6.70 16.22
CA PRO A 40 10.70 6.36 17.64
C PRO A 40 9.78 5.21 18.01
N SER A 41 8.67 5.09 17.28
CA SER A 41 7.70 4.03 17.54
C SER A 41 7.65 3.04 16.36
N GLY A 42 7.52 1.77 16.69
CA GLY A 42 7.46 0.74 15.66
C GLY A 42 6.05 0.40 15.26
N PRO A 43 5.41 -0.51 16.02
CA PRO A 43 4.03 -0.94 15.75
C PRO A 43 3.01 0.17 16.04
N SER A 44 2.26 0.55 15.01
CA SER A 44 1.26 1.59 15.15
C SER A 44 -0.09 1.00 15.55
N SER A 45 -0.40 -0.16 14.99
CA SER A 45 -1.66 -0.84 15.29
C SER A 45 -1.41 -2.18 15.98
N GLY A 46 -1.85 -2.27 17.23
CA GLY A 46 -1.67 -3.51 17.99
C GLY A 46 -2.98 -4.21 18.27
N GLY A 1 -24.68 7.49 2.19
CA GLY A 1 -23.42 6.97 1.71
C GLY A 1 -23.01 7.57 0.38
N SER A 2 -21.75 7.98 0.28
CA SER A 2 -21.23 8.59 -0.94
C SER A 2 -20.45 7.56 -1.76
N SER A 3 -20.84 7.39 -3.01
CA SER A 3 -20.16 6.44 -3.90
C SER A 3 -18.94 7.07 -4.55
N GLY A 4 -18.07 6.24 -5.11
CA GLY A 4 -16.86 6.73 -5.75
C GLY A 4 -16.50 5.92 -6.98
N SER A 5 -15.22 6.00 -7.37
CA SER A 5 -14.75 5.28 -8.54
C SER A 5 -14.08 3.97 -8.14
N SER A 6 -13.87 3.08 -9.11
CA SER A 6 -13.24 1.79 -8.86
C SER A 6 -12.54 1.28 -10.11
N GLY A 7 -11.49 0.48 -9.90
CA GLY A 7 -10.75 -0.07 -11.02
C GLY A 7 -11.34 -1.36 -11.53
N THR A 8 -10.78 -2.49 -11.10
CA THR A 8 -11.26 -3.80 -11.52
C THR A 8 -10.90 -4.87 -10.50
N GLY A 9 -11.78 -5.85 -10.34
CA GLY A 9 -11.54 -6.93 -9.39
C GLY A 9 -11.44 -6.43 -7.97
N GLU A 10 -10.73 -7.19 -7.13
CA GLU A 10 -10.55 -6.81 -5.73
C GLU A 10 -9.43 -7.62 -5.09
N LYS A 11 -8.44 -6.92 -4.56
CA LYS A 11 -7.30 -7.57 -3.91
C LYS A 11 -7.54 -7.75 -2.42
N PRO A 12 -7.07 -8.88 -1.87
CA PRO A 12 -7.22 -9.18 -0.44
C PRO A 12 -6.38 -8.27 0.45
N TYR A 13 -5.12 -8.11 0.09
CA TYR A 13 -4.21 -7.27 0.86
C TYR A 13 -4.33 -5.80 0.43
N ASN A 14 -4.36 -4.91 1.42
CA ASN A 14 -4.47 -3.48 1.15
C ASN A 14 -3.72 -2.67 2.19
N CYS A 15 -2.76 -1.87 1.73
CA CYS A 15 -1.96 -1.03 2.61
C CYS A 15 -2.80 0.10 3.20
N LYS A 16 -2.60 0.36 4.48
CA LYS A 16 -3.34 1.43 5.17
C LYS A 16 -2.53 2.72 5.18
N GLU A 17 -1.22 2.59 5.17
CA GLU A 17 -0.32 3.75 5.18
C GLU A 17 -0.68 4.71 4.05
N CYS A 18 -0.46 4.27 2.81
CA CYS A 18 -0.75 5.08 1.64
C CYS A 18 -2.14 4.78 1.10
N GLY A 19 -2.48 3.49 1.03
CA GLY A 19 -3.77 3.09 0.52
C GLY A 19 -3.68 2.34 -0.79
N LYS A 20 -2.74 1.41 -0.87
CA LYS A 20 -2.54 0.61 -2.07
C LYS A 20 -3.10 -0.79 -1.88
N SER A 21 -2.95 -1.62 -2.92
CA SER A 21 -3.44 -2.99 -2.88
C SER A 21 -2.46 -3.94 -3.57
N PHE A 22 -2.47 -5.20 -3.14
CA PHE A 22 -1.59 -6.21 -3.71
C PHE A 22 -2.28 -7.57 -3.76
N ARG A 23 -1.77 -8.45 -4.62
CA ARG A 23 -2.32 -9.78 -4.76
C ARG A 23 -1.73 -10.75 -3.73
N TRP A 24 -0.41 -10.73 -3.62
CA TRP A 24 0.29 -11.59 -2.67
C TRP A 24 0.64 -10.84 -1.39
N ALA A 25 0.83 -11.58 -0.31
CA ALA A 25 1.16 -10.98 0.98
C ALA A 25 2.56 -10.36 0.95
N SER A 26 3.57 -11.20 0.70
CA SER A 26 4.95 -10.73 0.65
C SER A 26 5.05 -9.41 -0.12
N CYS A 27 4.61 -9.44 -1.38
CA CYS A 27 4.64 -8.24 -2.22
C CYS A 27 4.29 -7.00 -1.42
N LEU A 28 3.22 -7.09 -0.63
CA LEU A 28 2.77 -5.97 0.18
C LEU A 28 3.78 -5.66 1.28
N LEU A 29 4.20 -6.69 2.00
CA LEU A 29 5.17 -6.53 3.09
C LEU A 29 6.39 -5.76 2.61
N LYS A 30 6.90 -6.14 1.44
CA LYS A 30 8.08 -5.48 0.87
C LYS A 30 7.81 -4.00 0.65
N HIS A 31 6.63 -3.68 0.13
CA HIS A 31 6.26 -2.29 -0.13
C HIS A 31 6.27 -1.47 1.16
N GLN A 32 5.71 -2.07 2.23
CA GLN A 32 5.66 -1.39 3.52
C GLN A 32 6.98 -0.73 3.86
N ARG A 33 8.06 -1.20 3.23
CA ARG A 33 9.39 -0.65 3.45
C ARG A 33 9.36 0.88 3.38
N VAL A 34 8.77 1.40 2.30
CA VAL A 34 8.68 2.84 2.09
C VAL A 34 8.14 3.53 3.34
N HIS A 35 7.27 2.85 4.07
CA HIS A 35 6.68 3.39 5.29
C HIS A 35 7.56 3.10 6.50
N SER A 36 8.85 2.92 6.25
CA SER A 36 9.80 2.62 7.32
C SER A 36 11.00 3.56 7.25
N GLY A 37 11.59 3.68 6.07
CA GLY A 37 12.74 4.55 5.90
C GLY A 37 12.35 5.97 5.56
N GLU A 38 11.72 6.16 4.41
CA GLU A 38 11.29 7.49 3.97
C GLU A 38 10.34 8.11 4.99
N LYS A 39 10.74 9.26 5.53
CA LYS A 39 9.92 9.95 6.52
C LYS A 39 10.20 11.45 6.49
N PRO A 40 9.14 12.25 6.63
CA PRO A 40 9.25 13.72 6.63
C PRO A 40 9.94 14.25 7.88
N SER A 41 10.02 13.41 8.91
CA SER A 41 10.64 13.80 10.17
C SER A 41 10.22 15.21 10.58
N GLY A 42 8.97 15.55 10.29
CA GLY A 42 8.46 16.86 10.64
C GLY A 42 7.73 16.87 11.97
N PRO A 43 6.88 17.89 12.18
CA PRO A 43 6.10 18.03 13.40
C PRO A 43 5.01 16.97 13.53
N SER A 44 4.40 16.89 14.71
CA SER A 44 3.33 15.92 14.95
C SER A 44 2.60 16.24 16.25
N SER A 45 1.67 15.37 16.62
CA SER A 45 0.89 15.56 17.84
C SER A 45 1.76 15.39 19.08
N GLY A 46 2.50 16.43 19.43
CA GLY A 46 3.37 16.37 20.59
C GLY A 46 2.58 16.26 21.89
N GLY A 1 -17.93 8.61 -18.94
CA GLY A 1 -19.29 8.15 -18.68
C GLY A 1 -19.52 7.86 -17.22
N SER A 2 -20.78 7.89 -16.81
CA SER A 2 -21.14 7.63 -15.41
C SER A 2 -21.86 6.30 -15.27
N SER A 3 -21.08 5.22 -15.12
CA SER A 3 -21.65 3.88 -14.99
C SER A 3 -21.43 3.35 -13.57
N GLY A 4 -20.21 3.50 -13.07
CA GLY A 4 -19.89 3.02 -11.73
C GLY A 4 -19.19 1.68 -11.75
N SER A 5 -17.94 1.67 -12.21
CA SER A 5 -17.16 0.44 -12.28
C SER A 5 -15.73 0.68 -11.82
N SER A 6 -15.35 0.04 -10.72
CA SER A 6 -14.01 0.19 -10.17
C SER A 6 -12.98 -0.51 -11.06
N GLY A 7 -13.17 -1.82 -11.24
CA GLY A 7 -12.26 -2.59 -12.07
C GLY A 7 -12.75 -3.99 -12.32
N THR A 8 -11.91 -4.82 -12.94
CA THR A 8 -12.27 -6.19 -13.24
C THR A 8 -11.52 -7.17 -12.33
N GLY A 9 -11.40 -6.81 -11.06
CA GLY A 9 -10.71 -7.66 -10.12
C GLY A 9 -10.06 -6.88 -9.00
N GLU A 10 -10.30 -7.30 -7.76
CA GLU A 10 -9.73 -6.63 -6.59
C GLU A 10 -8.63 -7.47 -5.96
N LYS A 11 -7.97 -6.92 -4.96
CA LYS A 11 -6.90 -7.62 -4.25
C LYS A 11 -7.23 -7.80 -2.79
N PRO A 12 -6.82 -8.95 -2.22
CA PRO A 12 -7.06 -9.27 -0.81
C PRO A 12 -6.25 -8.40 0.13
N TYR A 13 -4.98 -8.20 -0.19
CA TYR A 13 -4.10 -7.38 0.63
C TYR A 13 -4.15 -5.92 0.21
N ASN A 14 -4.26 -5.03 1.20
CA ASN A 14 -4.32 -3.60 0.93
C ASN A 14 -3.59 -2.81 2.01
N CYS A 15 -2.64 -1.97 1.58
CA CYS A 15 -1.86 -1.16 2.52
C CYS A 15 -2.73 -0.07 3.14
N LYS A 16 -2.55 0.16 4.43
CA LYS A 16 -3.31 1.18 5.14
C LYS A 16 -2.52 2.48 5.23
N GLU A 17 -1.20 2.37 5.24
CA GLU A 17 -0.33 3.54 5.32
C GLU A 17 -0.68 4.55 4.23
N CYS A 18 -0.54 4.14 2.98
CA CYS A 18 -0.83 5.01 1.85
C CYS A 18 -2.21 4.70 1.27
N GLY A 19 -2.53 3.41 1.15
CA GLY A 19 -3.81 3.00 0.62
C GLY A 19 -3.68 2.29 -0.71
N LYS A 20 -2.69 1.41 -0.82
CA LYS A 20 -2.45 0.67 -2.05
C LYS A 20 -3.02 -0.74 -1.95
N SER A 21 -2.81 -1.55 -2.99
CA SER A 21 -3.30 -2.92 -3.02
C SER A 21 -2.19 -3.89 -3.39
N PHE A 22 -2.41 -5.17 -3.12
CA PHE A 22 -1.43 -6.19 -3.43
C PHE A 22 -2.09 -7.57 -3.56
N ARG A 23 -1.65 -8.34 -4.55
CA ARG A 23 -2.21 -9.67 -4.78
C ARG A 23 -1.73 -10.65 -3.72
N TRP A 24 -0.43 -10.62 -3.44
CA TRP A 24 0.15 -11.52 -2.44
C TRP A 24 0.57 -10.74 -1.20
N ALA A 25 0.64 -11.43 -0.07
CA ALA A 25 1.03 -10.81 1.20
C ALA A 25 2.43 -10.22 1.10
N SER A 26 3.41 -11.07 0.82
CA SER A 26 4.80 -10.63 0.70
C SER A 26 4.89 -9.35 -0.13
N CYS A 27 4.16 -9.31 -1.23
CA CYS A 27 4.17 -8.15 -2.12
C CYS A 27 3.88 -6.87 -1.33
N LEU A 28 2.93 -6.95 -0.41
CA LEU A 28 2.55 -5.81 0.41
C LEU A 28 3.60 -5.52 1.48
N LEU A 29 4.03 -6.58 2.17
CA LEU A 29 5.05 -6.45 3.21
C LEU A 29 6.30 -5.75 2.67
N LYS A 30 6.72 -6.13 1.47
CA LYS A 30 7.89 -5.54 0.84
C LYS A 30 7.69 -4.05 0.60
N HIS A 31 6.48 -3.68 0.19
CA HIS A 31 6.16 -2.28 -0.07
C HIS A 31 6.28 -1.44 1.20
N GLN A 32 5.82 -2.00 2.31
CA GLN A 32 5.88 -1.31 3.60
C GLN A 32 7.22 -0.60 3.77
N ARG A 33 8.26 -1.14 3.13
CA ARG A 33 9.60 -0.57 3.21
C ARG A 33 9.55 0.94 3.02
N VAL A 34 8.87 1.37 1.96
CA VAL A 34 8.76 2.80 1.66
C VAL A 34 8.33 3.59 2.89
N HIS A 35 7.49 2.97 3.72
CA HIS A 35 7.01 3.63 4.94
C HIS A 35 8.00 3.43 6.07
N SER A 36 8.73 2.32 6.05
CA SER A 36 9.71 2.03 7.09
C SER A 36 10.57 3.25 7.38
N GLY A 37 11.35 3.67 6.39
CA GLY A 37 12.22 4.82 6.56
C GLY A 37 12.51 5.52 5.24
N GLU A 38 11.46 5.83 4.49
CA GLU A 38 11.62 6.50 3.21
C GLU A 38 10.46 7.47 2.95
N LYS A 39 10.80 8.71 2.61
CA LYS A 39 9.79 9.72 2.33
C LYS A 39 9.82 10.14 0.87
N PRO A 40 9.14 9.37 0.02
CA PRO A 40 9.07 9.65 -1.42
C PRO A 40 8.25 10.89 -1.73
N SER A 41 8.44 11.45 -2.93
CA SER A 41 7.73 12.64 -3.34
C SER A 41 7.03 12.42 -4.69
N GLY A 42 5.83 11.84 -4.63
CA GLY A 42 5.08 11.57 -5.84
C GLY A 42 3.75 12.30 -5.87
N PRO A 43 3.05 12.22 -7.01
CA PRO A 43 1.74 12.87 -7.20
C PRO A 43 0.65 12.21 -6.36
N SER A 44 0.45 12.72 -5.14
CA SER A 44 -0.56 12.19 -4.24
C SER A 44 -1.93 12.79 -4.54
N SER A 45 -2.94 11.94 -4.61
CA SER A 45 -4.31 12.39 -4.89
C SER A 45 -4.81 13.32 -3.79
N GLY A 46 -5.33 14.47 -4.19
CA GLY A 46 -5.85 15.42 -3.22
C GLY A 46 -7.24 15.07 -2.73
N GLY A 1 -13.54 15.36 -14.68
CA GLY A 1 -14.25 14.13 -14.92
C GLY A 1 -14.02 13.09 -13.84
N SER A 2 -15.01 12.23 -13.62
CA SER A 2 -14.91 11.19 -12.60
C SER A 2 -15.92 10.09 -12.84
N SER A 3 -15.44 8.85 -12.91
CA SER A 3 -16.31 7.71 -13.15
C SER A 3 -15.88 6.51 -12.30
N GLY A 4 -16.82 5.93 -11.58
CA GLY A 4 -16.52 4.78 -10.74
C GLY A 4 -16.49 3.48 -11.52
N SER A 5 -15.85 3.51 -12.68
CA SER A 5 -15.76 2.33 -13.53
C SER A 5 -14.97 1.23 -12.83
N SER A 6 -15.61 0.08 -12.62
CA SER A 6 -14.97 -1.05 -11.96
C SER A 6 -14.35 -1.99 -12.99
N GLY A 7 -13.02 -1.96 -13.08
CA GLY A 7 -12.33 -2.82 -14.03
C GLY A 7 -11.38 -3.78 -13.34
N THR A 8 -10.49 -3.26 -12.51
CA THR A 8 -9.52 -4.07 -11.80
C THR A 8 -10.21 -4.89 -10.71
N GLY A 9 -9.66 -6.08 -10.43
CA GLY A 9 -10.22 -6.94 -9.42
C GLY A 9 -10.14 -6.33 -8.02
N GLU A 10 -10.47 -7.13 -7.02
CA GLU A 10 -10.43 -6.66 -5.63
C GLU A 10 -9.47 -7.51 -4.81
N LYS A 11 -8.21 -7.08 -4.74
CA LYS A 11 -7.20 -7.79 -3.97
C LYS A 11 -7.54 -7.81 -2.48
N PRO A 12 -7.21 -8.93 -1.82
CA PRO A 12 -7.49 -9.10 -0.39
C PRO A 12 -6.60 -8.21 0.48
N TYR A 13 -5.36 -8.02 0.04
CA TYR A 13 -4.42 -7.19 0.78
C TYR A 13 -4.46 -5.74 0.29
N ASN A 14 -4.52 -4.80 1.23
CA ASN A 14 -4.57 -3.39 0.88
C ASN A 14 -3.91 -2.54 1.97
N CYS A 15 -2.76 -1.97 1.64
CA CYS A 15 -2.01 -1.14 2.58
C CYS A 15 -2.88 -0.01 3.11
N LYS A 16 -2.68 0.35 4.37
CA LYS A 16 -3.45 1.42 5.00
C LYS A 16 -2.65 2.72 5.01
N GLU A 17 -1.34 2.61 5.22
CA GLU A 17 -0.48 3.78 5.26
C GLU A 17 -0.77 4.72 4.08
N CYS A 18 -0.51 4.23 2.88
CA CYS A 18 -0.74 5.02 1.67
C CYS A 18 -2.11 4.70 1.07
N GLY A 19 -2.48 3.43 1.09
CA GLY A 19 -3.75 3.01 0.55
C GLY A 19 -3.61 2.29 -0.78
N LYS A 20 -2.66 1.37 -0.86
CA LYS A 20 -2.42 0.61 -2.07
C LYS A 20 -2.99 -0.81 -1.95
N SER A 21 -2.83 -1.60 -3.01
CA SER A 21 -3.33 -2.96 -3.01
C SER A 21 -2.21 -3.95 -3.35
N PHE A 22 -2.43 -5.22 -3.04
CA PHE A 22 -1.45 -6.26 -3.31
C PHE A 22 -2.10 -7.63 -3.37
N ARG A 23 -1.71 -8.44 -4.35
CA ARG A 23 -2.26 -9.77 -4.52
C ARG A 23 -1.73 -10.72 -3.44
N TRP A 24 -0.42 -10.82 -3.36
CA TRP A 24 0.22 -11.70 -2.37
C TRP A 24 0.74 -10.89 -1.19
N ALA A 25 0.78 -11.53 -0.01
CA ALA A 25 1.24 -10.87 1.19
C ALA A 25 2.64 -10.29 1.00
N SER A 26 3.61 -11.17 0.78
CA SER A 26 4.99 -10.74 0.58
C SER A 26 5.06 -9.46 -0.23
N CYS A 27 4.46 -9.49 -1.42
CA CYS A 27 4.45 -8.33 -2.30
C CYS A 27 4.16 -7.06 -1.52
N LEU A 28 3.08 -7.08 -0.73
CA LEU A 28 2.70 -5.93 0.08
C LEU A 28 3.80 -5.55 1.06
N LEU A 29 4.37 -6.55 1.71
CA LEU A 29 5.45 -6.33 2.68
C LEU A 29 6.57 -5.51 2.04
N LYS A 30 7.18 -6.06 0.99
CA LYS A 30 8.27 -5.38 0.30
C LYS A 30 8.01 -3.89 0.20
N HIS A 31 6.74 -3.52 -0.02
CA HIS A 31 6.36 -2.12 -0.14
C HIS A 31 6.34 -1.45 1.23
N GLN A 32 5.83 -2.16 2.23
CA GLN A 32 5.76 -1.63 3.58
C GLN A 32 7.05 -0.92 3.96
N ARG A 33 8.15 -1.33 3.33
CA ARG A 33 9.45 -0.72 3.61
C ARG A 33 9.36 0.79 3.62
N VAL A 34 8.72 1.35 2.60
CA VAL A 34 8.56 2.81 2.49
C VAL A 34 7.98 3.38 3.77
N HIS A 35 7.15 2.60 4.45
CA HIS A 35 6.52 3.05 5.70
C HIS A 35 7.33 2.57 6.90
N SER A 36 8.63 2.33 6.69
CA SER A 36 9.51 1.87 7.76
C SER A 36 10.19 3.05 8.45
N GLY A 37 9.43 4.11 8.69
CA GLY A 37 9.98 5.28 9.35
C GLY A 37 9.07 6.50 9.22
N GLU A 38 9.00 7.29 10.29
CA GLU A 38 8.16 8.48 10.29
C GLU A 38 8.93 9.69 9.75
N LYS A 39 8.48 10.19 8.61
CA LYS A 39 9.12 11.35 7.98
C LYS A 39 8.20 12.57 8.01
N PRO A 40 8.78 13.74 8.31
CA PRO A 40 8.04 14.99 8.38
C PRO A 40 7.56 15.45 7.00
N SER A 41 6.24 15.65 6.87
CA SER A 41 5.65 16.08 5.62
C SER A 41 4.16 16.35 5.79
N GLY A 42 3.74 17.55 5.40
CA GLY A 42 2.33 17.93 5.52
C GLY A 42 2.15 19.32 6.06
N PRO A 43 2.62 19.55 7.29
CA PRO A 43 2.51 20.85 7.96
C PRO A 43 3.41 21.91 7.31
N SER A 44 2.80 22.98 6.83
CA SER A 44 3.54 24.06 6.18
C SER A 44 3.39 25.36 6.97
N SER A 45 4.51 26.05 7.15
CA SER A 45 4.52 27.31 7.89
C SER A 45 3.35 28.19 7.46
N GLY A 46 2.93 29.09 8.36
CA GLY A 46 1.83 29.98 8.05
C GLY A 46 0.50 29.43 8.50
N GLY A 1 -17.53 7.64 -11.64
CA GLY A 1 -18.83 7.19 -11.15
C GLY A 1 -19.13 5.75 -11.52
N SER A 2 -19.26 4.90 -10.51
CA SER A 2 -19.55 3.48 -10.75
C SER A 2 -20.96 3.30 -11.28
N SER A 3 -21.06 3.08 -12.59
CA SER A 3 -22.36 2.90 -13.24
C SER A 3 -22.95 1.54 -12.87
N GLY A 4 -22.11 0.51 -12.88
CA GLY A 4 -22.57 -0.83 -12.55
C GLY A 4 -21.44 -1.83 -12.51
N SER A 5 -21.78 -3.12 -12.58
CA SER A 5 -20.79 -4.18 -12.54
C SER A 5 -20.14 -4.27 -11.16
N SER A 6 -20.97 -4.42 -10.13
CA SER A 6 -20.48 -4.51 -8.76
C SER A 6 -20.12 -5.95 -8.41
N GLY A 7 -19.36 -6.60 -9.30
CA GLY A 7 -18.96 -7.97 -9.06
C GLY A 7 -17.51 -8.23 -9.44
N THR A 8 -16.62 -7.39 -8.93
CA THR A 8 -15.20 -7.52 -9.21
C THR A 8 -14.44 -8.07 -8.01
N GLY A 9 -13.47 -8.94 -8.27
CA GLY A 9 -12.69 -9.53 -7.20
C GLY A 9 -11.50 -8.67 -6.81
N GLU A 10 -11.72 -7.75 -5.88
CA GLU A 10 -10.65 -6.86 -5.43
C GLU A 10 -9.58 -7.64 -4.66
N LYS A 11 -8.39 -7.07 -4.57
CA LYS A 11 -7.28 -7.70 -3.87
C LYS A 11 -7.58 -7.81 -2.37
N PRO A 12 -7.13 -8.91 -1.76
CA PRO A 12 -7.34 -9.15 -0.32
C PRO A 12 -6.52 -8.20 0.54
N TYR A 13 -5.26 -8.01 0.18
CA TYR A 13 -4.37 -7.13 0.92
C TYR A 13 -4.49 -5.70 0.45
N ASN A 14 -4.42 -4.76 1.38
CA ASN A 14 -4.52 -3.34 1.05
C ASN A 14 -3.67 -2.50 2.01
N CYS A 15 -2.66 -1.84 1.46
CA CYS A 15 -1.77 -1.01 2.26
C CYS A 15 -2.53 0.18 2.85
N LYS A 16 -2.75 0.13 4.16
CA LYS A 16 -3.47 1.19 4.86
C LYS A 16 -2.61 2.45 4.96
N GLU A 17 -1.30 2.26 5.10
CA GLU A 17 -0.38 3.38 5.21
C GLU A 17 -0.68 4.43 4.15
N CYS A 18 -0.56 4.05 2.88
CA CYS A 18 -0.82 4.96 1.77
C CYS A 18 -2.21 4.74 1.19
N GLY A 19 -2.59 3.46 1.07
CA GLY A 19 -3.90 3.13 0.53
C GLY A 19 -3.81 2.44 -0.81
N LYS A 20 -3.00 1.39 -0.88
CA LYS A 20 -2.83 0.63 -2.12
C LYS A 20 -3.33 -0.80 -1.96
N SER A 21 -3.19 -1.59 -3.01
CA SER A 21 -3.63 -2.98 -2.98
C SER A 21 -2.54 -3.91 -3.52
N PHE A 22 -2.53 -5.14 -3.03
CA PHE A 22 -1.55 -6.13 -3.47
C PHE A 22 -2.17 -7.52 -3.55
N ARG A 23 -1.69 -8.31 -4.49
CA ARG A 23 -2.19 -9.67 -4.68
C ARG A 23 -1.66 -10.61 -3.60
N TRP A 24 -0.34 -10.67 -3.49
CA TRP A 24 0.30 -11.53 -2.49
C TRP A 24 0.70 -10.73 -1.26
N ALA A 25 0.74 -11.40 -0.11
CA ALA A 25 1.13 -10.75 1.13
C ALA A 25 2.56 -10.25 1.07
N SER A 26 3.50 -11.17 0.94
CA SER A 26 4.92 -10.81 0.88
C SER A 26 5.14 -9.61 -0.03
N CYS A 27 4.47 -9.61 -1.17
CA CYS A 27 4.59 -8.51 -2.12
C CYS A 27 4.26 -7.18 -1.47
N LEU A 28 3.20 -7.16 -0.67
CA LEU A 28 2.78 -5.95 0.03
C LEU A 28 3.83 -5.51 1.04
N LEU A 29 4.37 -6.47 1.77
CA LEU A 29 5.39 -6.19 2.78
C LEU A 29 6.55 -5.41 2.17
N LYS A 30 7.22 -6.01 1.19
CA LYS A 30 8.35 -5.37 0.52
C LYS A 30 8.07 -3.89 0.27
N HIS A 31 6.81 -3.56 0.03
CA HIS A 31 6.41 -2.18 -0.21
C HIS A 31 6.29 -1.41 1.09
N GLN A 32 5.85 -2.09 2.14
CA GLN A 32 5.70 -1.46 3.45
C GLN A 32 7.01 -0.82 3.90
N ARG A 33 8.12 -1.35 3.43
CA ARG A 33 9.43 -0.82 3.78
C ARG A 33 9.45 0.70 3.69
N VAL A 34 8.90 1.23 2.60
CA VAL A 34 8.85 2.67 2.38
C VAL A 34 8.23 3.38 3.58
N HIS A 35 7.28 2.71 4.24
CA HIS A 35 6.61 3.27 5.40
C HIS A 35 7.40 2.97 6.68
N SER A 36 8.70 2.79 6.53
CA SER A 36 9.56 2.49 7.67
C SER A 36 9.39 3.54 8.77
N GLY A 37 9.72 3.16 10.00
CA GLY A 37 9.59 4.07 11.12
C GLY A 37 9.62 3.36 12.46
N GLU A 38 10.82 3.15 12.99
CA GLU A 38 10.99 2.47 14.27
C GLU A 38 10.40 3.31 15.40
N LYS A 39 9.12 3.06 15.70
CA LYS A 39 8.45 3.79 16.77
C LYS A 39 9.08 3.50 18.12
N PRO A 40 9.05 4.50 19.02
CA PRO A 40 9.61 4.37 20.37
C PRO A 40 8.81 3.41 21.24
N SER A 41 7.77 2.82 20.67
CA SER A 41 6.93 1.88 21.40
C SER A 41 7.78 0.95 22.26
N GLY A 42 7.15 0.34 23.27
CA GLY A 42 7.85 -0.56 24.15
C GLY A 42 8.66 -1.60 23.39
N PRO A 43 8.04 -2.76 23.12
CA PRO A 43 8.68 -3.86 22.40
C PRO A 43 8.91 -3.53 20.93
N SER A 44 9.72 -4.34 20.26
CA SER A 44 10.02 -4.13 18.85
C SER A 44 10.77 -5.33 18.27
N SER A 45 10.42 -5.71 17.05
CA SER A 45 11.06 -6.84 16.39
C SER A 45 11.55 -6.44 15.00
N GLY A 46 12.17 -5.28 14.89
CA GLY A 46 12.68 -4.81 13.62
C GLY A 46 11.72 -5.08 12.49
N GLY A 1 -17.92 12.65 -18.50
CA GLY A 1 -17.28 11.75 -19.45
C GLY A 1 -15.76 11.82 -19.37
N SER A 2 -15.12 10.66 -19.41
CA SER A 2 -13.67 10.60 -19.34
C SER A 2 -13.16 9.25 -19.88
N SER A 3 -12.56 9.29 -21.07
CA SER A 3 -12.04 8.08 -21.69
C SER A 3 -10.78 7.61 -20.98
N GLY A 4 -10.77 6.33 -20.59
CA GLY A 4 -9.62 5.77 -19.90
C GLY A 4 -10.01 5.10 -18.59
N SER A 5 -10.73 3.99 -18.68
CA SER A 5 -11.17 3.28 -17.49
C SER A 5 -9.98 2.95 -16.59
N SER A 6 -10.27 2.39 -15.42
CA SER A 6 -9.23 2.05 -14.46
C SER A 6 -9.15 0.53 -14.27
N GLY A 7 -10.28 -0.08 -13.96
CA GLY A 7 -10.32 -1.52 -13.76
C GLY A 7 -9.08 -2.04 -13.05
N THR A 8 -9.12 -2.05 -11.73
CA THR A 8 -7.99 -2.51 -10.93
C THR A 8 -8.28 -3.89 -10.34
N GLY A 9 -9.56 -4.23 -10.23
CA GLY A 9 -9.94 -5.52 -9.68
C GLY A 9 -10.01 -5.50 -8.17
N GLU A 10 -9.96 -6.68 -7.55
CA GLU A 10 -10.03 -6.80 -6.10
C GLU A 10 -8.82 -7.56 -5.56
N LYS A 11 -8.30 -7.11 -4.42
CA LYS A 11 -7.16 -7.76 -3.80
C LYS A 11 -7.39 -7.95 -2.30
N PRO A 12 -6.91 -9.09 -1.78
CA PRO A 12 -7.05 -9.43 -0.35
C PRO A 12 -6.18 -8.54 0.53
N TYR A 13 -5.02 -8.14 0.02
CA TYR A 13 -4.10 -7.30 0.76
C TYR A 13 -4.18 -5.85 0.29
N ASN A 14 -4.27 -4.93 1.25
CA ASN A 14 -4.35 -3.51 0.94
C ASN A 14 -3.64 -2.68 1.99
N CYS A 15 -2.62 -1.93 1.55
CA CYS A 15 -1.85 -1.08 2.45
C CYS A 15 -2.71 0.04 3.02
N LYS A 16 -2.58 0.29 4.32
CA LYS A 16 -3.33 1.33 4.98
C LYS A 16 -2.52 2.62 5.08
N GLU A 17 -1.21 2.48 5.13
CA GLU A 17 -0.31 3.64 5.22
C GLU A 17 -0.62 4.66 4.14
N CYS A 18 -0.51 4.22 2.88
CA CYS A 18 -0.78 5.09 1.75
C CYS A 18 -2.15 4.80 1.14
N GLY A 19 -2.48 3.51 1.05
CA GLY A 19 -3.77 3.12 0.49
C GLY A 19 -3.62 2.40 -0.84
N LYS A 20 -2.76 1.39 -0.88
CA LYS A 20 -2.54 0.63 -2.10
C LYS A 20 -3.14 -0.77 -2.00
N SER A 21 -2.96 -1.56 -3.04
CA SER A 21 -3.49 -2.93 -3.06
C SER A 21 -2.43 -3.91 -3.53
N PHE A 22 -2.56 -5.16 -3.11
CA PHE A 22 -1.61 -6.21 -3.49
C PHE A 22 -2.29 -7.58 -3.52
N ARG A 23 -1.95 -8.38 -4.51
CA ARG A 23 -2.52 -9.72 -4.65
C ARG A 23 -1.96 -10.66 -3.59
N TRP A 24 -0.63 -10.75 -3.52
CA TRP A 24 0.02 -11.61 -2.55
C TRP A 24 0.37 -10.85 -1.28
N ALA A 25 0.86 -11.57 -0.27
CA ALA A 25 1.24 -10.95 0.99
C ALA A 25 2.61 -10.29 0.90
N SER A 26 3.63 -11.10 0.69
CA SER A 26 5.00 -10.61 0.59
C SER A 26 5.03 -9.26 -0.14
N CYS A 27 4.55 -9.26 -1.38
CA CYS A 27 4.53 -8.05 -2.19
C CYS A 27 4.19 -6.84 -1.33
N LEU A 28 3.13 -6.96 -0.54
CA LEU A 28 2.69 -5.87 0.32
C LEU A 28 3.74 -5.57 1.39
N LEU A 29 4.25 -6.62 2.03
CA LEU A 29 5.26 -6.46 3.07
C LEU A 29 6.42 -5.61 2.57
N LYS A 30 7.03 -6.03 1.47
CA LYS A 30 8.16 -5.31 0.89
C LYS A 30 7.79 -3.84 0.62
N HIS A 31 6.58 -3.63 0.11
CA HIS A 31 6.12 -2.28 -0.18
C HIS A 31 6.12 -1.42 1.09
N GLN A 32 5.66 -2.00 2.19
CA GLN A 32 5.61 -1.29 3.47
C GLN A 32 6.98 -0.72 3.82
N ARG A 33 8.03 -1.33 3.28
CA ARG A 33 9.39 -0.88 3.55
C ARG A 33 9.52 0.62 3.39
N VAL A 34 8.73 1.18 2.47
CA VAL A 34 8.74 2.62 2.21
C VAL A 34 8.30 3.40 3.45
N HIS A 35 7.30 2.88 4.15
CA HIS A 35 6.80 3.53 5.35
C HIS A 35 7.62 3.13 6.57
N SER A 36 8.15 1.91 6.56
CA SER A 36 8.95 1.41 7.67
C SER A 36 9.95 2.47 8.13
N GLY A 37 10.59 3.13 7.16
CA GLY A 37 11.56 4.15 7.49
C GLY A 37 11.00 5.55 7.38
N GLU A 38 11.27 6.38 8.39
CA GLU A 38 10.78 7.75 8.40
C GLU A 38 11.91 8.74 8.63
N LYS A 39 12.28 9.46 7.58
CA LYS A 39 13.36 10.45 7.67
C LYS A 39 12.83 11.86 7.45
N PRO A 40 13.55 12.85 7.98
CA PRO A 40 13.17 14.26 7.86
C PRO A 40 13.34 14.78 6.43
N SER A 41 12.31 14.59 5.61
CA SER A 41 12.33 15.04 4.23
C SER A 41 10.93 14.98 3.61
N GLY A 42 10.82 15.49 2.39
CA GLY A 42 9.54 15.48 1.70
C GLY A 42 9.67 15.21 0.22
N PRO A 43 10.15 13.99 -0.12
CA PRO A 43 10.33 13.57 -1.51
C PRO A 43 9.00 13.37 -2.23
N SER A 44 8.65 14.30 -3.11
CA SER A 44 7.40 14.23 -3.85
C SER A 44 6.20 14.23 -2.92
N SER A 45 6.26 15.09 -1.89
CA SER A 45 5.17 15.19 -0.92
C SER A 45 4.31 16.42 -1.20
N GLY A 46 4.97 17.56 -1.41
CA GLY A 46 4.25 18.79 -1.68
C GLY A 46 5.00 20.02 -1.21
#